data_7B0D
#
_entry.id   7B0D
#
_cell.length_a   70.227
_cell.length_b   105.953
_cell.length_c   111.216
_cell.angle_alpha   90.000
_cell.angle_beta   90.000
_cell.angle_gamma   90.000
#
_symmetry.space_group_name_H-M   'P 21 21 21'
#
loop_
_entity.id
_entity.type
_entity.pdbx_description
1 polymer 'Glutamine--scyllo-inositol transaminase'
2 non-polymer 1,2-ETHANEDIOL
3 non-polymer 'CALCIUM ION'
4 non-polymer 'PHOSPHATE ION'
5 non-polymer DI(HYDROXYETHYL)ETHER
6 non-polymer 2-AMINO-2-HYDROXYMETHYL-PROPANE-1,3-DIOL
7 water water
#
_entity_poly.entity_id   1
_entity_poly.type   'polypeptide(L)'
_entity_poly.pdbx_seq_one_letter_code
;MAGSHHHHHHGMASMTGGQQMGRSGDDDMIPFVDLKREYQEIKEEIDQAIQRVLERGWFILGEELEAFEKEFSSYIGAKY
GIGVNSGSDALYLGVKALGIGKGDEVITVSHTFISTVDAIVRNGAKPVFVDIDPETYTIDVSQIEKKITERTKAILPVHL
YGHPADMGSIMEIGEKYSLFVIEDACQAHGAEYNGKKVGSIGDIGCFSFYPT(LLP)NLGAYGDGGIVVTNDDELANKLR
TLRNYGSSKKYYHEFVGVNSRLDEIQAAILRVKLKYLEEWNEKRRNIARLYNEFLESSDLVTPTEKEYAKHVYHLYVIRY
KERDKLQQNLLKCGIQTQIHYPIPMHRQKAYLELEYNTSLPVTEKICNEILSLPMHPWLREEEIRRISNCIGEFLWMSNS
RKS
;
_entity_poly.pdbx_strand_id   A,B
#
loop_
_chem_comp.id
_chem_comp.type
_chem_comp.name
_chem_comp.formula
CA non-polymer 'CALCIUM ION' 'Ca 2'
EDO non-polymer 1,2-ETHANEDIOL 'C2 H6 O2'
PEG non-polymer DI(HYDROXYETHYL)ETHER 'C4 H10 O3'
PO4 non-polymer 'PHOSPHATE ION' 'O4 P -3'
TRS non-polymer 2-AMINO-2-HYDROXYMETHYL-PROPANE-1,3-DIOL 'C4 H12 N O3 1'
#
# COMPACT_ATOMS: atom_id res chain seq x y z
N ASP A 28 28.14 -19.44 8.03
CA ASP A 28 28.15 -20.48 9.11
C ASP A 28 27.00 -20.18 10.10
N MET A 29 26.62 -18.91 10.27
CA MET A 29 25.40 -18.54 11.07
CA MET A 29 25.41 -18.56 11.06
C MET A 29 24.17 -19.13 10.35
N ILE A 30 23.19 -19.58 11.12
CA ILE A 30 21.87 -20.02 10.60
C ILE A 30 20.94 -18.84 10.84
N PRO A 31 20.60 -18.07 9.78
CA PRO A 31 19.72 -16.93 9.94
C PRO A 31 18.28 -17.40 10.13
N PHE A 32 17.44 -16.53 10.69
CA PHE A 32 16.02 -16.89 10.92
C PHE A 32 15.29 -17.12 9.58
N VAL A 33 15.59 -16.32 8.55
CA VAL A 33 15.06 -16.60 7.17
C VAL A 33 16.18 -16.36 6.16
N ASP A 34 16.03 -16.96 4.98
CA ASP A 34 16.94 -16.70 3.84
CA ASP A 34 16.96 -16.69 3.83
C ASP A 34 16.15 -16.85 2.54
N LEU A 35 15.51 -15.78 2.12
CA LEU A 35 14.70 -15.77 0.87
C LEU A 35 15.55 -16.00 -0.39
N LYS A 36 16.87 -15.80 -0.34
CA LYS A 36 17.76 -16.07 -1.51
CA LYS A 36 17.77 -16.07 -1.50
C LYS A 36 17.58 -17.52 -1.98
N ARG A 37 17.45 -18.48 -1.07
CA ARG A 37 17.35 -19.92 -1.42
CA ARG A 37 17.35 -19.92 -1.45
C ARG A 37 16.08 -20.16 -2.26
N GLU A 38 14.99 -19.51 -1.91
CA GLU A 38 13.72 -19.70 -2.62
C GLU A 38 13.93 -19.24 -4.06
N TYR A 39 14.42 -18.01 -4.26
CA TYR A 39 14.54 -17.43 -5.61
C TYR A 39 15.35 -18.36 -6.51
N GLN A 40 16.45 -18.89 -5.97
CA GLN A 40 17.35 -19.77 -6.76
CA GLN A 40 17.36 -19.79 -6.73
C GLN A 40 16.58 -21.04 -7.17
N GLU A 41 15.65 -21.54 -6.36
CA GLU A 41 14.88 -22.78 -6.68
CA GLU A 41 14.88 -22.78 -6.68
C GLU A 41 13.90 -22.52 -7.84
N ILE A 42 13.36 -21.31 -7.98
CA ILE A 42 12.26 -21.04 -8.96
C ILE A 42 12.60 -19.86 -9.87
N LYS A 43 13.89 -19.57 -10.04
CA LYS A 43 14.39 -18.38 -10.75
C LYS A 43 13.76 -18.27 -12.13
N GLU A 44 13.81 -19.34 -12.95
CA GLU A 44 13.38 -19.26 -14.37
CA GLU A 44 13.38 -19.24 -14.38
C GLU A 44 11.90 -18.89 -14.45
N GLU A 45 11.07 -19.49 -13.59
CA GLU A 45 9.60 -19.23 -13.63
CA GLU A 45 9.60 -19.24 -13.59
C GLU A 45 9.33 -17.80 -13.15
N ILE A 46 10.04 -17.36 -12.13
CA ILE A 46 9.84 -15.97 -11.59
C ILE A 46 10.26 -14.94 -12.64
N ASP A 47 11.43 -15.14 -13.24
CA ASP A 47 11.94 -14.20 -14.27
C ASP A 47 10.97 -14.13 -15.44
N GLN A 48 10.41 -15.25 -15.90
CA GLN A 48 9.44 -15.29 -17.02
CA GLN A 48 9.46 -15.27 -17.03
C GLN A 48 8.19 -14.49 -16.65
N ALA A 49 7.68 -14.68 -15.42
CA ALA A 49 6.47 -13.97 -14.95
C ALA A 49 6.69 -12.45 -14.95
N ILE A 50 7.81 -12.01 -14.40
CA ILE A 50 8.13 -10.57 -14.30
C ILE A 50 8.28 -10.01 -15.71
N GLN A 51 9.00 -10.72 -16.58
CA GLN A 51 9.22 -10.24 -17.96
C GLN A 51 7.89 -10.06 -18.68
N ARG A 52 6.94 -10.98 -18.54
CA ARG A 52 5.62 -10.89 -19.22
CA ARG A 52 5.62 -10.90 -19.23
C ARG A 52 4.95 -9.57 -18.81
N VAL A 53 5.00 -9.24 -17.53
CA VAL A 53 4.32 -8.01 -17.06
C VAL A 53 5.03 -6.77 -17.64
N LEU A 54 6.35 -6.72 -17.58
CA LEU A 54 7.10 -5.55 -18.12
C LEU A 54 6.79 -5.36 -19.61
N GLU A 55 6.76 -6.44 -20.38
CA GLU A 55 6.50 -6.37 -21.84
CA GLU A 55 6.51 -6.37 -21.84
C GLU A 55 5.08 -5.88 -22.11
N ARG A 56 4.12 -6.21 -21.23
CA ARG A 56 2.70 -5.86 -21.42
CA ARG A 56 2.70 -5.86 -21.42
C ARG A 56 2.48 -4.37 -21.10
N GLY A 57 3.29 -3.79 -20.22
CA GLY A 57 3.19 -2.37 -19.86
C GLY A 57 1.93 -2.03 -19.10
N TRP A 58 1.41 -2.98 -18.34
CA TRP A 58 0.16 -2.86 -17.57
C TRP A 58 0.46 -3.31 -16.13
N PHE A 59 0.49 -2.37 -15.20
CA PHE A 59 1.06 -2.58 -13.86
C PHE A 59 0.02 -2.55 -12.74
N ILE A 60 -1.15 -2.03 -13.02
CA ILE A 60 -2.19 -1.77 -11.98
C ILE A 60 -3.51 -2.36 -12.43
N LEU A 61 -4.15 -3.16 -11.58
CA LEU A 61 -5.54 -3.65 -11.82
C LEU A 61 -5.63 -4.31 -13.22
N GLY A 62 -4.81 -5.30 -13.44
CA GLY A 62 -4.76 -6.04 -14.73
C GLY A 62 -5.11 -7.50 -14.60
N GLU A 63 -4.72 -8.22 -15.64
CA GLU A 63 -5.12 -9.64 -15.81
CA GLU A 63 -5.15 -9.64 -15.79
C GLU A 63 -4.38 -10.56 -14.84
N GLU A 64 -3.17 -10.20 -14.41
CA GLU A 64 -2.43 -11.05 -13.44
C GLU A 64 -3.18 -10.99 -12.10
N LEU A 65 -3.61 -9.81 -11.71
CA LEU A 65 -4.33 -9.64 -10.43
C LEU A 65 -5.63 -10.43 -10.50
N GLU A 66 -6.40 -10.26 -11.58
CA GLU A 66 -7.69 -10.97 -11.70
CA GLU A 66 -7.70 -10.97 -11.71
C GLU A 66 -7.46 -12.49 -11.64
N ALA A 67 -6.46 -13.00 -12.35
CA ALA A 67 -6.17 -14.45 -12.37
C ALA A 67 -5.71 -14.91 -10.99
N PHE A 68 -4.87 -14.16 -10.30
CA PHE A 68 -4.41 -14.56 -8.95
C PHE A 68 -5.58 -14.58 -7.99
N GLU A 69 -6.44 -13.58 -8.06
CA GLU A 69 -7.61 -13.53 -7.17
C GLU A 69 -8.45 -14.78 -7.37
N LYS A 70 -8.65 -15.19 -8.61
CA LYS A 70 -9.46 -16.39 -8.94
CA LYS A 70 -9.48 -16.39 -8.89
C LYS A 70 -8.74 -17.63 -8.41
N GLU A 71 -7.46 -17.74 -8.67
CA GLU A 71 -6.67 -18.95 -8.30
C GLU A 71 -6.59 -19.07 -6.78
N PHE A 72 -6.33 -17.96 -6.08
CA PHE A 72 -6.15 -18.01 -4.61
C PHE A 72 -7.50 -18.26 -3.93
N SER A 73 -8.55 -17.59 -4.37
CA SER A 73 -9.89 -17.82 -3.78
C SER A 73 -10.31 -19.27 -4.05
N SER A 74 -10.02 -19.82 -5.23
CA SER A 74 -10.36 -21.25 -5.51
CA SER A 74 -10.36 -21.24 -5.53
C SER A 74 -9.57 -22.17 -4.59
N TYR A 75 -8.32 -21.90 -4.36
CA TYR A 75 -7.46 -22.69 -3.45
C TYR A 75 -8.07 -22.70 -2.03
N ILE A 76 -8.52 -21.54 -1.53
CA ILE A 76 -9.08 -21.43 -0.16
C ILE A 76 -10.50 -21.98 -0.13
N GLY A 77 -11.19 -22.01 -1.26
CA GLY A 77 -12.61 -22.42 -1.30
C GLY A 77 -13.56 -21.28 -1.00
N ALA A 78 -13.21 -20.06 -1.39
CA ALA A 78 -14.09 -18.88 -1.35
C ALA A 78 -14.45 -18.45 -2.77
N LYS A 79 -15.55 -17.78 -2.93
CA LYS A 79 -16.02 -17.38 -4.28
CA LYS A 79 -16.04 -17.37 -4.29
C LYS A 79 -15.19 -16.23 -4.87
N TYR A 80 -14.73 -15.29 -4.02
CA TYR A 80 -14.14 -14.02 -4.51
C TYR A 80 -12.83 -13.75 -3.77
N GLY A 81 -11.87 -13.21 -4.52
CA GLY A 81 -10.63 -12.67 -3.95
C GLY A 81 -10.47 -11.22 -4.34
N ILE A 82 -10.00 -10.41 -3.37
CA ILE A 82 -9.79 -8.95 -3.58
C ILE A 82 -8.39 -8.61 -3.10
N GLY A 83 -7.46 -8.55 -4.04
CA GLY A 83 -6.06 -8.25 -3.72
C GLY A 83 -5.85 -6.81 -3.27
N VAL A 84 -5.08 -6.64 -2.24
CA VAL A 84 -4.80 -5.31 -1.64
C VAL A 84 -3.30 -5.22 -1.33
N ASN A 85 -2.85 -4.09 -0.78
CA ASN A 85 -1.40 -3.84 -0.64
C ASN A 85 -0.78 -4.62 0.51
N SER A 86 -1.55 -5.12 1.48
CA SER A 86 -0.96 -5.74 2.67
C SER A 86 -2.00 -6.56 3.44
N GLY A 87 -1.54 -7.44 4.31
CA GLY A 87 -2.46 -8.08 5.28
C GLY A 87 -3.09 -7.04 6.19
N SER A 88 -2.32 -6.02 6.54
CA SER A 88 -2.81 -4.93 7.41
C SER A 88 -4.02 -4.29 6.75
N ASP A 89 -3.94 -3.98 5.48
CA ASP A 89 -5.07 -3.38 4.76
C ASP A 89 -6.19 -4.38 4.51
N ALA A 90 -5.89 -5.65 4.29
CA ALA A 90 -6.96 -6.67 4.17
C ALA A 90 -7.83 -6.61 5.42
N LEU A 91 -7.22 -6.60 6.59
CA LEU A 91 -7.97 -6.52 7.88
C LEU A 91 -8.68 -5.19 8.00
N TYR A 92 -7.98 -4.10 7.79
CA TYR A 92 -8.56 -2.74 7.93
C TYR A 92 -9.74 -2.56 6.99
N LEU A 93 -9.60 -2.87 5.72
CA LEU A 93 -10.68 -2.71 4.75
C LEU A 93 -11.80 -3.74 5.00
N GLY A 94 -11.47 -4.94 5.46
CA GLY A 94 -12.53 -5.91 5.78
C GLY A 94 -13.42 -5.41 6.91
N VAL A 95 -12.84 -4.90 7.99
CA VAL A 95 -13.60 -4.28 9.11
C VAL A 95 -14.45 -3.13 8.54
N LYS A 96 -13.85 -2.27 7.74
CA LYS A 96 -14.55 -1.09 7.19
CA LYS A 96 -14.55 -1.08 7.18
C LYS A 96 -15.73 -1.52 6.32
N ALA A 97 -15.52 -2.50 5.42
CA ALA A 97 -16.57 -2.92 4.47
C ALA A 97 -17.74 -3.53 5.22
N LEU A 98 -17.50 -4.19 6.34
CA LEU A 98 -18.58 -4.77 7.19
C LEU A 98 -19.32 -3.69 7.98
N GLY A 99 -18.95 -2.42 7.86
CA GLY A 99 -19.69 -1.32 8.51
C GLY A 99 -19.34 -1.15 9.97
N ILE A 100 -18.20 -1.64 10.43
CA ILE A 100 -17.78 -1.58 11.83
C ILE A 100 -17.02 -0.29 12.05
N GLY A 101 -17.40 0.47 13.06
CA GLY A 101 -16.78 1.78 13.31
C GLY A 101 -17.10 2.31 14.69
N LYS A 102 -17.24 3.64 14.77
CA LYS A 102 -17.43 4.31 16.07
CA LYS A 102 -17.45 4.33 16.06
C LYS A 102 -18.67 3.73 16.77
N GLY A 103 -18.51 3.45 18.05
CA GLY A 103 -19.57 2.87 18.87
C GLY A 103 -19.63 1.34 18.83
N ASP A 104 -18.80 0.69 18.01
CA ASP A 104 -18.82 -0.78 17.88
C ASP A 104 -17.63 -1.38 18.60
N GLU A 105 -17.81 -2.63 19.00
CA GLU A 105 -16.75 -3.43 19.64
C GLU A 105 -16.47 -4.65 18.77
N VAL A 106 -15.18 -5.03 18.74
CA VAL A 106 -14.74 -6.28 18.08
C VAL A 106 -13.95 -7.11 19.08
N ILE A 107 -14.35 -8.35 19.29
CA ILE A 107 -13.67 -9.25 20.24
C ILE A 107 -12.47 -9.84 19.52
N THR A 108 -11.30 -9.80 20.13
CA THR A 108 -10.08 -10.36 19.52
C THR A 108 -9.10 -10.73 20.61
N VAL A 109 -7.89 -11.09 20.20
CA VAL A 109 -6.76 -11.40 21.12
C VAL A 109 -5.80 -10.23 21.21
N SER A 110 -5.10 -10.20 22.34
CA SER A 110 -3.91 -9.32 22.52
C SER A 110 -2.66 -10.01 21.99
N HIS A 111 -2.62 -11.35 21.99
CA HIS A 111 -1.46 -12.13 21.51
C HIS A 111 -1.57 -12.28 19.99
N THR A 112 -1.13 -11.26 19.27
CA THR A 112 -1.20 -11.17 17.81
C THR A 112 -0.27 -10.05 17.35
N PHE A 113 -0.13 -9.95 16.05
CA PHE A 113 0.59 -8.82 15.43
C PHE A 113 -0.24 -7.55 15.51
N ILE A 114 0.46 -6.42 15.51
CA ILE A 114 -0.08 -5.03 15.52
C ILE A 114 -1.31 -4.93 14.65
N SER A 115 -1.23 -5.34 13.41
CA SER A 115 -2.25 -4.98 12.40
C SER A 115 -3.64 -5.57 12.72
N THR A 116 -3.70 -6.67 13.47
CA THR A 116 -5.01 -7.21 13.85
C THR A 116 -5.78 -6.14 14.63
N VAL A 117 -5.12 -5.47 15.57
CA VAL A 117 -5.81 -4.49 16.46
C VAL A 117 -5.90 -3.14 15.75
N ASP A 118 -4.89 -2.74 14.98
CA ASP A 118 -5.02 -1.48 14.23
C ASP A 118 -6.21 -1.54 13.29
N ALA A 119 -6.56 -2.70 12.74
CA ALA A 119 -7.71 -2.78 11.82
C ALA A 119 -8.99 -2.31 12.52
N ILE A 120 -9.09 -2.63 13.81
CA ILE A 120 -10.26 -2.25 14.63
C ILE A 120 -10.20 -0.74 14.97
N VAL A 121 -9.10 -0.31 15.55
CA VAL A 121 -8.91 1.07 16.07
CA VAL A 121 -9.03 1.08 16.07
C VAL A 121 -8.94 2.09 14.93
N ARG A 122 -8.33 1.80 13.79
CA ARG A 122 -8.29 2.78 12.69
C ARG A 122 -9.70 3.02 12.16
N ASN A 123 -10.64 2.09 12.34
CA ASN A 123 -12.05 2.27 11.93
C ASN A 123 -12.87 2.98 13.02
N GLY A 124 -12.23 3.30 14.14
CA GLY A 124 -12.95 4.01 15.23
C GLY A 124 -13.67 3.06 16.15
N ALA A 125 -13.60 1.74 15.92
CA ALA A 125 -14.16 0.74 16.83
C ALA A 125 -13.19 0.46 17.99
N LYS A 126 -13.63 -0.28 18.99
CA LYS A 126 -12.77 -0.62 20.14
CA LYS A 126 -12.82 -0.63 20.17
C LYS A 126 -12.63 -2.14 20.24
N PRO A 127 -11.39 -2.61 20.46
CA PRO A 127 -11.18 -4.02 20.68
C PRO A 127 -11.64 -4.41 22.10
N VAL A 128 -12.05 -5.65 22.27
CA VAL A 128 -12.30 -6.24 23.59
C VAL A 128 -11.47 -7.52 23.59
N PHE A 129 -10.46 -7.58 24.43
CA PHE A 129 -9.48 -8.68 24.37
C PHE A 129 -9.96 -9.89 25.15
N VAL A 130 -9.66 -11.06 24.62
CA VAL A 130 -9.84 -12.38 25.25
C VAL A 130 -8.46 -13.01 25.41
N ASP A 131 -8.26 -13.76 26.44
CA ASP A 131 -7.00 -14.45 26.69
C ASP A 131 -6.85 -15.61 25.71
N ILE A 132 -5.65 -16.15 25.68
CA ILE A 132 -5.33 -17.29 24.80
C ILE A 132 -5.41 -18.60 25.58
N ASP A 133 -5.60 -19.66 24.81
CA ASP A 133 -5.35 -21.05 25.23
CA ASP A 133 -5.35 -21.04 25.25
C ASP A 133 -3.84 -21.25 25.26
N PRO A 134 -3.25 -21.70 26.38
CA PRO A 134 -1.80 -21.82 26.44
C PRO A 134 -1.22 -22.92 25.53
N GLU A 135 -2.03 -23.87 25.12
CA GLU A 135 -1.58 -25.03 24.29
CA GLU A 135 -1.55 -25.02 24.29
C GLU A 135 -1.43 -24.56 22.83
N THR A 136 -2.42 -23.83 22.32
CA THR A 136 -2.49 -23.50 20.90
C THR A 136 -2.05 -22.07 20.61
N TYR A 137 -1.96 -21.22 21.64
CA TYR A 137 -1.64 -19.76 21.46
C TYR A 137 -2.74 -19.04 20.69
N THR A 138 -3.93 -19.59 20.58
CA THR A 138 -5.09 -18.97 19.90
C THR A 138 -6.17 -18.61 20.92
N ILE A 139 -7.14 -17.84 20.47
CA ILE A 139 -8.19 -17.30 21.37
C ILE A 139 -8.83 -18.41 22.21
N ASP A 140 -8.98 -18.15 23.53
CA ASP A 140 -9.66 -19.12 24.42
C ASP A 140 -11.15 -19.01 24.19
N VAL A 141 -11.74 -19.97 23.46
CA VAL A 141 -13.15 -19.86 23.01
C VAL A 141 -14.10 -19.96 24.22
N SER A 142 -13.64 -20.47 25.35
CA SER A 142 -14.48 -20.55 26.58
C SER A 142 -14.64 -19.17 27.23
N GLN A 143 -13.87 -18.17 26.80
CA GLN A 143 -13.89 -16.82 27.44
C GLN A 143 -14.44 -15.78 26.48
N ILE A 144 -14.94 -16.15 25.31
CA ILE A 144 -15.49 -15.16 24.35
C ILE A 144 -16.84 -14.62 24.78
N GLU A 145 -17.77 -15.50 25.14
CA GLU A 145 -19.18 -15.06 25.32
CA GLU A 145 -19.19 -15.08 25.37
C GLU A 145 -19.29 -14.00 26.45
N LYS A 146 -18.48 -14.12 27.47
CA LYS A 146 -18.57 -13.16 28.60
C LYS A 146 -18.14 -11.75 28.18
N LYS A 147 -17.53 -11.61 27.00
CA LYS A 147 -17.06 -10.30 26.48
C LYS A 147 -18.11 -9.63 25.60
N ILE A 148 -19.20 -10.32 25.25
CA ILE A 148 -20.22 -9.79 24.31
C ILE A 148 -21.13 -8.78 25.03
N THR A 149 -21.38 -7.70 24.35
CA THR A 149 -22.25 -6.57 24.81
C THR A 149 -23.16 -6.18 23.66
N GLU A 150 -24.05 -5.21 23.88
CA GLU A 150 -24.89 -4.63 22.82
CA GLU A 150 -24.90 -4.64 22.81
C GLU A 150 -24.05 -3.99 21.72
N ARG A 151 -22.80 -3.61 22.03
CA ARG A 151 -21.95 -2.94 21.01
C ARG A 151 -21.14 -3.96 20.17
N THR A 152 -21.08 -5.20 20.56
CA THR A 152 -20.27 -6.17 19.78
C THR A 152 -20.80 -6.34 18.39
N LYS A 153 -19.96 -6.26 17.35
CA LYS A 153 -20.37 -6.52 15.96
CA LYS A 153 -20.38 -6.52 15.95
C LYS A 153 -19.63 -7.71 15.35
N ALA A 154 -18.46 -8.08 15.90
CA ALA A 154 -17.64 -9.15 15.26
C ALA A 154 -16.72 -9.79 16.27
N ILE A 155 -16.30 -11.00 15.90
CA ILE A 155 -15.19 -11.76 16.51
C ILE A 155 -14.09 -11.86 15.46
N LEU A 156 -12.87 -11.55 15.88
CA LEU A 156 -11.69 -11.51 14.97
C LEU A 156 -10.67 -12.51 15.54
N PRO A 157 -10.85 -13.83 15.28
CA PRO A 157 -9.85 -14.81 15.70
C PRO A 157 -8.61 -14.78 14.80
N VAL A 158 -7.48 -15.15 15.39
CA VAL A 158 -6.19 -15.18 14.71
C VAL A 158 -5.70 -16.63 14.65
N HIS A 159 -5.35 -17.10 13.47
CA HIS A 159 -4.81 -18.46 13.25
C HIS A 159 -3.30 -18.40 13.48
N LEU A 160 -2.92 -18.14 14.71
CA LEU A 160 -1.54 -17.69 15.02
C LEU A 160 -0.55 -18.84 14.78
N TYR A 161 0.59 -18.47 14.19
CA TYR A 161 1.75 -19.34 13.89
C TYR A 161 1.44 -20.38 12.78
N GLY A 162 0.24 -20.40 12.23
CA GLY A 162 -0.13 -21.41 11.22
C GLY A 162 -1.07 -22.45 11.77
N HIS A 163 -1.54 -22.34 13.00
CA HIS A 163 -2.52 -23.28 13.59
C HIS A 163 -3.88 -22.60 13.59
N PRO A 164 -4.97 -23.27 13.17
CA PRO A 164 -6.30 -22.67 13.24
CA PRO A 164 -6.29 -22.66 13.23
C PRO A 164 -6.76 -22.42 14.68
N ALA A 165 -7.47 -21.31 14.88
CA ALA A 165 -8.31 -21.16 16.06
C ALA A 165 -9.44 -22.20 16.04
N ASP A 166 -10.06 -22.42 17.19
CA ASP A 166 -11.15 -23.44 17.29
CA ASP A 166 -11.15 -23.43 17.33
C ASP A 166 -12.43 -22.86 16.70
N MET A 167 -12.56 -23.01 15.39
CA MET A 167 -13.58 -22.32 14.62
C MET A 167 -15.01 -22.86 14.86
N GLY A 168 -15.14 -24.11 15.30
CA GLY A 168 -16.50 -24.61 15.61
C GLY A 168 -17.16 -23.81 16.72
N SER A 169 -16.43 -23.57 17.81
CA SER A 169 -16.91 -22.78 18.96
C SER A 169 -17.11 -21.31 18.55
N ILE A 170 -16.22 -20.77 17.73
CA ILE A 170 -16.33 -19.36 17.30
C ILE A 170 -17.57 -19.17 16.45
N MET A 171 -17.80 -20.07 15.49
CA MET A 171 -18.98 -19.96 14.60
C MET A 171 -20.27 -20.20 15.41
N GLU A 172 -20.26 -21.08 16.42
CA GLU A 172 -21.43 -21.26 17.30
C GLU A 172 -21.81 -19.91 17.93
N ILE A 173 -20.80 -19.22 18.48
CA ILE A 173 -21.03 -17.94 19.20
C ILE A 173 -21.47 -16.87 18.18
N GLY A 174 -20.81 -16.80 17.03
CA GLY A 174 -21.21 -15.84 16.00
C GLY A 174 -22.64 -16.01 15.53
N GLU A 175 -23.09 -17.27 15.38
CA GLU A 175 -24.47 -17.56 14.95
CA GLU A 175 -24.49 -17.55 14.94
C GLU A 175 -25.46 -17.15 16.06
N LYS A 176 -25.15 -17.52 17.28
CA LYS A 176 -26.09 -17.30 18.42
CA LYS A 176 -26.05 -17.30 18.45
C LYS A 176 -26.28 -15.80 18.64
N TYR A 177 -25.24 -14.99 18.49
CA TYR A 177 -25.24 -13.55 18.83
CA TYR A 177 -25.24 -13.56 18.85
C TYR A 177 -25.29 -12.67 17.58
N SER A 178 -25.44 -13.26 16.39
CA SER A 178 -25.52 -12.55 15.12
C SER A 178 -24.31 -11.61 14.94
N LEU A 179 -23.10 -12.17 15.06
CA LEU A 179 -21.82 -11.41 14.95
C LEU A 179 -21.12 -11.85 13.68
N PHE A 180 -20.48 -10.92 12.99
CA PHE A 180 -19.54 -11.28 11.91
C PHE A 180 -18.34 -12.01 12.50
N VAL A 181 -17.76 -12.89 11.67
CA VAL A 181 -16.49 -13.58 12.02
C VAL A 181 -15.48 -13.22 10.95
N ILE A 182 -14.42 -12.58 11.37
CA ILE A 182 -13.35 -12.06 10.49
C ILE A 182 -12.12 -12.88 10.78
N GLU A 183 -11.66 -13.66 9.82
CA GLU A 183 -10.48 -14.54 10.09
C GLU A 183 -9.18 -13.80 9.76
N ASP A 184 -8.29 -13.67 10.74
CA ASP A 184 -6.89 -13.23 10.48
C ASP A 184 -6.10 -14.51 10.21
N ALA A 185 -5.96 -14.79 8.92
CA ALA A 185 -5.26 -15.97 8.41
C ALA A 185 -3.88 -15.57 7.86
N CYS A 186 -3.34 -14.42 8.25
CA CYS A 186 -2.09 -13.90 7.65
C CYS A 186 -0.89 -14.82 7.90
N GLN A 187 -0.90 -15.66 8.93
CA GLN A 187 0.18 -16.63 9.23
C GLN A 187 -0.22 -18.05 8.85
N ALA A 188 -1.28 -18.25 8.07
CA ALA A 188 -1.90 -19.60 8.06
C ALA A 188 -2.32 -20.01 6.65
N HIS A 189 -1.64 -19.59 5.60
CA HIS A 189 -1.99 -20.00 4.21
C HIS A 189 -1.95 -21.53 4.10
N GLY A 190 -3.10 -22.12 3.79
CA GLY A 190 -3.21 -23.59 3.62
C GLY A 190 -3.52 -24.32 4.89
N ALA A 191 -3.60 -23.68 6.06
CA ALA A 191 -3.99 -24.37 7.29
C ALA A 191 -5.45 -24.77 7.13
N GLU A 192 -5.83 -25.82 7.89
CA GLU A 192 -7.19 -26.37 7.79
C GLU A 192 -7.77 -26.59 9.19
N TYR A 193 -9.07 -26.36 9.30
CA TYR A 193 -9.88 -26.66 10.51
C TYR A 193 -10.89 -27.72 10.04
N ASN A 194 -10.80 -28.91 10.64
CA ASN A 194 -11.64 -30.07 10.26
CA ASN A 194 -11.66 -30.07 10.28
C ASN A 194 -11.68 -30.21 8.75
N GLY A 195 -10.53 -30.11 8.10
CA GLY A 195 -10.37 -30.33 6.67
C GLY A 195 -10.79 -29.18 5.79
N LYS A 196 -11.23 -28.07 6.36
CA LYS A 196 -11.65 -26.88 5.57
CA LYS A 196 -11.65 -26.88 5.57
CA LYS A 196 -11.65 -26.88 5.57
C LYS A 196 -10.57 -25.79 5.68
N LYS A 197 -10.20 -25.20 4.57
CA LYS A 197 -9.15 -24.17 4.57
C LYS A 197 -9.56 -22.98 5.45
N VAL A 198 -8.66 -22.58 6.33
CA VAL A 198 -8.92 -21.31 7.06
C VAL A 198 -8.98 -20.17 6.05
N GLY A 199 -9.80 -19.18 6.38
CA GLY A 199 -10.12 -18.06 5.52
C GLY A 199 -11.44 -18.25 4.78
N SER A 200 -11.93 -19.50 4.65
CA SER A 200 -13.19 -19.84 3.95
C SER A 200 -14.36 -19.99 4.92
N ILE A 201 -14.15 -19.85 6.22
CA ILE A 201 -15.16 -20.22 7.25
C ILE A 201 -15.97 -19.00 7.67
N GLY A 202 -15.28 -17.92 8.02
CA GLY A 202 -15.95 -16.70 8.48
C GLY A 202 -16.52 -15.89 7.33
N ASP A 203 -17.08 -14.73 7.62
CA ASP A 203 -17.64 -13.83 6.59
C ASP A 203 -16.56 -13.41 5.60
N ILE A 204 -15.37 -13.12 6.11
CA ILE A 204 -14.19 -12.79 5.30
C ILE A 204 -12.97 -13.49 5.88
N GLY A 205 -12.01 -13.74 4.99
CA GLY A 205 -10.68 -14.23 5.39
C GLY A 205 -9.63 -13.25 4.88
N CYS A 206 -8.66 -12.94 5.73
CA CYS A 206 -7.62 -11.96 5.44
C CYS A 206 -6.26 -12.64 5.46
N PHE A 207 -5.49 -12.39 4.40
CA PHE A 207 -4.13 -12.94 4.28
C PHE A 207 -3.13 -11.83 3.94
N SER A 208 -1.89 -12.07 4.37
CA SER A 208 -0.69 -11.26 4.05
C SER A 208 0.13 -12.01 3.03
N PHE A 209 0.79 -11.31 2.13
CA PHE A 209 1.87 -11.87 1.27
C PHE A 209 3.16 -11.13 1.59
N TYR A 210 3.33 -10.63 2.80
CA TYR A 210 4.65 -10.11 3.23
C TYR A 210 5.70 -11.17 2.90
N PRO A 211 6.94 -10.81 2.51
CA PRO A 211 7.83 -11.81 1.89
C PRO A 211 8.16 -13.05 2.73
N THR A 212 8.13 -13.00 4.04
CA THR A 212 8.43 -14.16 4.90
C THR A 212 7.21 -15.01 5.22
N1 LLP A 213 -1.80 -10.21 11.10
C2 LLP A 213 -0.88 -11.13 11.37
C2' LLP A 213 -1.26 -12.20 12.35
C3 LLP A 213 0.33 -11.15 10.70
O3 LLP A 213 1.25 -12.11 10.95
C4 LLP A 213 0.65 -10.18 9.74
C4' LLP A 213 1.92 -10.38 9.00
C5 LLP A 213 -0.28 -9.15 9.54
C6 LLP A 213 -1.46 -9.22 10.22
C5' LLP A 213 -0.06 -7.94 8.69
OP4 LLP A 213 0.35 -8.18 7.32
P LLP A 213 1.30 -7.19 6.45
OP1 LLP A 213 0.63 -5.79 6.55
OP2 LLP A 213 2.63 -7.28 7.03
OP3 LLP A 213 1.12 -7.83 5.12
N LLP A 213 6.03 -14.66 4.70
CA LLP A 213 4.85 -15.48 4.95
CB LLP A 213 3.56 -14.71 4.63
CG LLP A 213 3.31 -13.43 5.43
CD LLP A 213 3.17 -13.44 6.97
CE LLP A 213 3.32 -11.96 7.65
NZ LLP A 213 2.36 -11.63 8.72
C LLP A 213 4.94 -16.80 4.16
O LLP A 213 5.74 -16.97 3.24
H2'1 LLP A 213 -0.54 -12.85 12.41
H2'2 LLP A 213 -2.07 -12.64 12.05
H2'3 LLP A 213 -1.42 -11.80 13.22
HO3 LLP A 213 1.93 -11.96 10.45
H4'1 LLP A 213 2.41 -9.64 8.70
H6 LLP A 213 -2.08 -8.52 10.12
H5'1 LLP A 213 0.62 -7.37 9.10
H5'2 LLP A 213 -0.89 -7.41 8.65
H LLP A 213 5.94 -13.83 4.14
HA LLP A 213 4.83 -15.70 5.91
HB2 LLP A 213 2.80 -15.31 4.77
HB3 LLP A 213 3.57 -14.48 3.68
HG2 LLP A 213 2.48 -13.03 5.07
HG3 LLP A 213 4.03 -12.81 5.21
HD2 LLP A 213 3.86 -14.03 7.34
HD3 LLP A 213 2.31 -13.81 7.21
HE2 LLP A 213 3.24 -11.28 6.95
HE3 LLP A 213 4.23 -11.87 8.02
N ASN A 214 4.06 -17.73 4.49
CA ASN A 214 4.17 -19.06 3.88
C ASN A 214 3.99 -18.95 2.37
N LEU A 215 3.16 -18.04 1.87
CA LEU A 215 3.14 -17.60 0.47
C LEU A 215 3.53 -16.12 0.48
N GLY A 216 4.73 -15.80 0.03
CA GLY A 216 5.32 -14.46 0.13
C GLY A 216 5.51 -13.81 -1.21
N ALA A 217 5.22 -12.52 -1.32
CA ALA A 217 5.56 -11.72 -2.50
C ALA A 217 6.98 -11.19 -2.42
N TYR A 218 7.37 -10.42 -3.42
CA TYR A 218 8.69 -9.74 -3.42
CA TYR A 218 8.67 -9.72 -3.49
C TYR A 218 8.46 -8.23 -3.22
N GLY A 219 7.68 -7.94 -2.18
CA GLY A 219 7.20 -6.59 -1.82
C GLY A 219 6.00 -6.79 -0.93
N ASP A 220 5.32 -5.72 -0.57
CA ASP A 220 4.08 -5.87 0.24
C ASP A 220 2.94 -6.38 -0.61
N GLY A 221 2.05 -7.18 0.00
CA GLY A 221 0.81 -7.59 -0.66
C GLY A 221 -0.13 -8.24 0.32
N GLY A 222 -1.39 -8.35 -0.06
CA GLY A 222 -2.39 -9.07 0.75
C GLY A 222 -3.64 -9.35 -0.02
N ILE A 223 -4.59 -10.02 0.63
CA ILE A 223 -5.90 -10.32 -0.04
C ILE A 223 -6.98 -10.50 1.01
N VAL A 224 -8.19 -10.16 0.60
CA VAL A 224 -9.43 -10.54 1.30
C VAL A 224 -10.15 -11.58 0.46
N VAL A 225 -10.62 -12.65 1.07
CA VAL A 225 -11.52 -13.60 0.37
C VAL A 225 -12.88 -13.59 1.07
N THR A 226 -13.94 -13.85 0.29
CA THR A 226 -15.32 -13.86 0.79
C THR A 226 -16.20 -14.61 -0.20
N ASN A 227 -17.36 -15.02 0.29
CA ASN A 227 -18.44 -15.55 -0.59
C ASN A 227 -19.50 -14.50 -0.86
N ASP A 228 -19.41 -13.30 -0.27
CA ASP A 228 -20.48 -12.29 -0.37
CA ASP A 228 -20.48 -12.29 -0.37
C ASP A 228 -20.16 -11.32 -1.52
N ASP A 229 -20.96 -11.33 -2.59
CA ASP A 229 -20.65 -10.52 -3.79
CA ASP A 229 -20.68 -10.53 -3.80
C ASP A 229 -20.76 -9.03 -3.45
N GLU A 230 -21.68 -8.64 -2.59
CA GLU A 230 -21.86 -7.20 -2.26
CA GLU A 230 -21.87 -7.20 -2.24
C GLU A 230 -20.64 -6.74 -1.46
N LEU A 231 -20.15 -7.54 -0.53
CA LEU A 231 -18.94 -7.18 0.23
CA LEU A 231 -18.92 -7.22 0.27
C LEU A 231 -17.74 -7.14 -0.72
N ALA A 232 -17.61 -8.09 -1.64
CA ALA A 232 -16.50 -8.10 -2.61
C ALA A 232 -16.52 -6.80 -3.42
N ASN A 233 -17.70 -6.37 -3.88
CA ASN A 233 -17.84 -5.14 -4.67
CA ASN A 233 -17.84 -5.14 -4.67
C ASN A 233 -17.44 -3.92 -3.81
N LYS A 234 -17.85 -3.87 -2.57
CA LYS A 234 -17.51 -2.73 -1.67
CA LYS A 234 -17.51 -2.73 -1.67
C LYS A 234 -15.99 -2.68 -1.47
N LEU A 235 -15.36 -3.83 -1.28
CA LEU A 235 -13.88 -3.88 -1.13
C LEU A 235 -13.18 -3.44 -2.40
N ARG A 236 -13.68 -3.79 -3.58
CA ARG A 236 -13.06 -3.32 -4.85
C ARG A 236 -13.20 -1.81 -5.00
N THR A 237 -14.28 -1.21 -4.51
CA THR A 237 -14.43 0.24 -4.53
C THR A 237 -13.48 0.87 -3.51
N LEU A 238 -13.48 0.39 -2.27
CA LEU A 238 -12.66 0.97 -1.20
C LEU A 238 -11.17 0.95 -1.54
N ARG A 239 -10.67 -0.10 -2.18
CA ARG A 239 -9.22 -0.24 -2.44
C ARG A 239 -8.78 0.67 -3.59
N ASN A 240 -9.72 1.19 -4.38
CA ASN A 240 -9.46 1.95 -5.61
C ASN A 240 -9.90 3.40 -5.41
N TYR A 241 -9.36 4.04 -4.38
CA TYR A 241 -9.63 5.46 -4.03
C TYR A 241 -11.13 5.70 -3.73
N GLY A 242 -11.87 4.67 -3.32
N GLY A 242 -11.90 4.67 -3.38
CA GLY A 242 -13.32 4.82 -3.12
CA GLY A 242 -13.34 4.84 -3.12
C GLY A 242 -13.98 5.29 -4.39
C GLY A 242 -14.15 5.10 -4.39
N SER A 243 -13.62 4.70 -5.54
CA SER A 243 -14.24 4.92 -6.85
C SER A 243 -14.80 3.60 -7.38
N SER A 244 -16.10 3.52 -7.66
CA SER A 244 -16.77 2.28 -8.15
C SER A 244 -16.91 2.32 -9.67
N LYS A 245 -16.97 3.52 -10.23
CA LYS A 245 -17.01 3.77 -11.69
CA LYS A 245 -16.99 3.76 -11.69
C LYS A 245 -16.11 4.97 -11.99
N LYS A 246 -15.50 4.99 -13.17
CA LYS A 246 -14.64 6.10 -13.61
C LYS A 246 -15.35 7.42 -13.31
N TYR A 247 -14.63 8.32 -12.64
CA TYR A 247 -14.99 9.75 -12.41
CA TYR A 247 -15.02 9.75 -12.43
C TYR A 247 -15.83 9.92 -11.12
N TYR A 248 -16.31 8.83 -10.51
CA TYR A 248 -17.19 8.89 -9.32
C TYR A 248 -16.41 8.50 -8.07
N HIS A 249 -16.73 9.17 -6.97
CA HIS A 249 -16.11 9.00 -5.64
C HIS A 249 -17.27 8.87 -4.66
N GLU A 250 -17.71 7.63 -4.42
N GLU A 250 -17.77 7.63 -4.45
CA GLU A 250 -18.95 7.33 -3.67
CA GLU A 250 -19.00 7.37 -3.66
C GLU A 250 -18.66 7.41 -2.17
N PHE A 251 -17.48 7.03 -1.73
N PHE A 251 -17.45 6.97 -1.81
CA PHE A 251 -17.15 7.22 -0.30
CA PHE A 251 -16.98 6.68 -0.42
C PHE A 251 -15.64 7.32 -0.20
C PHE A 251 -15.58 7.26 -0.22
N VAL A 252 -15.23 7.72 0.98
CA VAL A 252 -13.80 7.96 1.27
C VAL A 252 -13.16 6.58 1.30
N GLY A 253 -12.11 6.40 0.52
CA GLY A 253 -11.42 5.10 0.43
C GLY A 253 -9.95 5.28 0.62
N VAL A 254 -9.17 4.37 0.03
CA VAL A 254 -7.70 4.31 0.15
C VAL A 254 -7.15 3.88 -1.20
N ASN A 255 -5.85 3.96 -1.34
CA ASN A 255 -5.15 3.29 -2.45
C ASN A 255 -4.51 2.03 -1.85
N SER A 256 -5.11 0.86 -2.06
CA SER A 256 -4.55 -0.39 -1.52
C SER A 256 -4.74 -1.54 -2.48
N ARG A 257 -3.80 -1.72 -3.40
CA ARG A 257 -3.94 -2.69 -4.50
C ARG A 257 -2.72 -3.60 -4.52
N LEU A 258 -2.94 -4.84 -4.96
CA LEU A 258 -1.87 -5.82 -5.20
C LEU A 258 -1.34 -5.59 -6.62
N ASP A 259 -0.11 -5.17 -6.75
CA ASP A 259 0.50 -4.85 -8.06
C ASP A 259 0.43 -6.05 -9.01
N GLU A 260 0.30 -5.79 -10.32
CA GLU A 260 0.37 -6.85 -11.35
C GLU A 260 1.65 -7.65 -11.20
N ILE A 261 2.80 -7.04 -11.00
CA ILE A 261 4.10 -7.77 -10.94
CA ILE A 261 4.10 -7.78 -10.93
C ILE A 261 4.05 -8.73 -9.74
N GLN A 262 3.51 -8.30 -8.60
CA GLN A 262 3.44 -9.17 -7.41
C GLN A 262 2.39 -10.26 -7.60
N ALA A 263 1.25 -9.97 -8.20
CA ALA A 263 0.26 -11.00 -8.52
C ALA A 263 0.92 -12.05 -9.43
N ALA A 264 1.68 -11.64 -10.44
CA ALA A 264 2.29 -12.61 -11.37
C ALA A 264 3.25 -13.53 -10.62
N ILE A 265 4.08 -12.98 -9.73
CA ILE A 265 5.03 -13.73 -8.86
CA ILE A 265 5.03 -13.73 -8.85
C ILE A 265 4.21 -14.71 -8.00
N LEU A 266 3.12 -14.23 -7.40
CA LEU A 266 2.32 -15.06 -6.47
C LEU A 266 1.61 -16.20 -7.22
N ARG A 267 1.24 -16.01 -8.47
CA ARG A 267 0.63 -17.12 -9.25
C ARG A 267 1.65 -18.26 -9.42
N VAL A 268 2.89 -17.93 -9.64
CA VAL A 268 3.99 -18.94 -9.70
C VAL A 268 4.09 -19.64 -8.35
N LYS A 269 4.21 -18.88 -7.27
CA LYS A 269 4.53 -19.47 -5.95
CA LYS A 269 4.53 -19.47 -5.95
C LYS A 269 3.33 -20.26 -5.42
N LEU A 270 2.11 -19.88 -5.74
CA LEU A 270 0.93 -20.61 -5.22
C LEU A 270 1.00 -22.08 -5.65
N LYS A 271 1.58 -22.35 -6.80
CA LYS A 271 1.62 -23.77 -7.27
CA LYS A 271 1.67 -23.76 -7.30
CA LYS A 271 1.71 -23.75 -7.33
C LYS A 271 2.56 -24.59 -6.38
N TYR A 272 3.44 -23.97 -5.60
CA TYR A 272 4.40 -24.66 -4.70
C TYR A 272 3.92 -24.66 -3.25
N LEU A 273 2.82 -23.95 -2.92
CA LEU A 273 2.50 -23.69 -1.50
C LEU A 273 2.26 -25.01 -0.75
N GLU A 274 1.54 -25.96 -1.34
CA GLU A 274 1.28 -27.22 -0.62
C GLU A 274 2.61 -27.97 -0.38
N GLU A 275 3.48 -28.01 -1.36
CA GLU A 275 4.82 -28.65 -1.21
C GLU A 275 5.62 -27.95 -0.12
N TRP A 276 5.65 -26.62 -0.13
CA TRP A 276 6.45 -25.84 0.84
C TRP A 276 5.86 -26.00 2.26
N ASN A 277 4.55 -26.05 2.41
CA ASN A 277 3.95 -26.30 3.72
C ASN A 277 4.30 -27.74 4.20
N GLU A 278 4.36 -28.71 3.28
CA GLU A 278 4.73 -30.08 3.67
CA GLU A 278 4.73 -30.09 3.67
C GLU A 278 6.18 -30.09 4.15
N LYS A 279 7.06 -29.32 3.53
CA LYS A 279 8.46 -29.20 3.98
C LYS A 279 8.47 -28.63 5.40
N ARG A 280 7.73 -27.53 5.64
CA ARG A 280 7.64 -26.95 7.01
C ARG A 280 7.13 -27.98 8.02
N ARG A 281 6.10 -28.72 7.66
CA ARG A 281 5.53 -29.74 8.56
C ARG A 281 6.55 -30.85 8.82
N ASN A 282 7.37 -31.22 7.84
CA ASN A 282 8.42 -32.25 8.05
CA ASN A 282 8.42 -32.26 8.05
C ASN A 282 9.50 -31.69 8.99
N ILE A 283 9.87 -30.42 8.85
CA ILE A 283 10.83 -29.79 9.80
C ILE A 283 10.25 -29.81 11.21
N ALA A 284 8.97 -29.48 11.35
CA ALA A 284 8.30 -29.48 12.67
C ALA A 284 8.36 -30.90 13.27
N ARG A 285 8.12 -31.91 12.45
CA ARG A 285 8.21 -33.31 12.90
C ARG A 285 9.62 -33.59 13.41
N LEU A 286 10.65 -33.17 12.71
CA LEU A 286 12.05 -33.40 13.15
C LEU A 286 12.32 -32.66 14.45
N TYR A 287 11.96 -31.37 14.55
CA TYR A 287 12.16 -30.62 15.82
CA TYR A 287 12.15 -30.63 15.82
C TYR A 287 11.44 -31.35 16.95
N ASN A 288 10.23 -31.81 16.71
CA ASN A 288 9.43 -32.49 17.76
C ASN A 288 10.17 -33.76 18.22
N GLU A 289 10.78 -34.50 17.30
CA GLU A 289 11.56 -35.72 17.65
CA GLU A 289 11.54 -35.72 17.64
C GLU A 289 12.63 -35.38 18.67
N PHE A 290 13.36 -34.30 18.45
CA PHE A 290 14.51 -33.92 19.30
C PHE A 290 14.01 -33.24 20.57
N LEU A 291 12.91 -32.47 20.50
CA LEU A 291 12.58 -31.54 21.61
C LEU A 291 11.40 -31.99 22.47
N GLU A 292 10.48 -32.84 22.02
CA GLU A 292 9.30 -33.23 22.83
C GLU A 292 9.76 -33.76 24.19
N SER A 293 10.80 -34.58 24.25
CA SER A 293 11.26 -35.20 25.52
C SER A 293 11.94 -34.15 26.41
N SER A 294 12.39 -33.04 25.82
CA SER A 294 13.20 -31.99 26.47
C SER A 294 12.28 -31.12 27.35
N ASP A 295 12.90 -30.26 28.17
CA ASP A 295 12.18 -29.27 29.02
C ASP A 295 11.45 -28.22 28.16
N LEU A 296 11.79 -28.06 26.88
CA LEU A 296 11.12 -27.06 26.01
C LEU A 296 9.72 -27.58 25.70
N VAL A 297 8.66 -26.75 25.84
CA VAL A 297 7.28 -27.11 25.41
C VAL A 297 7.16 -26.90 23.91
N THR A 298 6.97 -27.97 23.16
CA THR A 298 6.88 -27.94 21.70
C THR A 298 5.46 -27.53 21.30
N PRO A 299 5.31 -26.96 20.10
CA PRO A 299 3.98 -26.58 19.62
C PRO A 299 3.11 -27.82 19.38
N THR A 300 1.82 -27.62 19.61
CA THR A 300 0.74 -28.64 19.53
C THR A 300 0.05 -28.51 18.18
N GLU A 301 -0.34 -29.64 17.59
CA GLU A 301 -1.32 -29.66 16.49
C GLU A 301 -2.53 -30.40 17.01
N LYS A 302 -3.63 -29.71 17.23
CA LYS A 302 -4.88 -30.33 17.71
C LYS A 302 -5.42 -31.30 16.66
N GLU A 303 -6.31 -32.20 17.09
CA GLU A 303 -6.94 -33.19 16.17
CA GLU A 303 -6.92 -33.19 16.15
C GLU A 303 -7.69 -32.47 15.05
N TYR A 304 -8.29 -31.30 15.33
CA TYR A 304 -9.08 -30.53 14.35
C TYR A 304 -8.17 -29.75 13.38
N ALA A 305 -6.85 -29.81 13.53
CA ALA A 305 -5.97 -28.84 12.83
C ALA A 305 -5.07 -29.53 11.81
N LYS A 306 -4.80 -28.80 10.73
CA LYS A 306 -3.59 -28.97 9.91
C LYS A 306 -2.77 -27.70 10.14
N HIS A 307 -1.72 -27.83 10.92
CA HIS A 307 -0.78 -26.72 11.25
C HIS A 307 0.18 -26.55 10.08
N VAL A 308 0.42 -25.32 9.60
CA VAL A 308 1.34 -25.07 8.49
C VAL A 308 2.62 -24.38 8.97
N TYR A 309 2.80 -24.19 10.27
CA TYR A 309 4.11 -23.80 10.84
C TYR A 309 4.71 -22.63 10.05
N HIS A 310 3.96 -21.53 9.98
CA HIS A 310 4.59 -20.24 9.65
C HIS A 310 5.73 -19.96 10.63
N LEU A 311 5.48 -20.24 11.90
CA LEU A 311 6.46 -20.10 12.99
C LEU A 311 6.45 -21.40 13.78
N TYR A 312 7.64 -21.79 14.24
CA TYR A 312 7.82 -22.93 15.16
C TYR A 312 8.18 -22.35 16.53
N VAL A 313 7.20 -22.33 17.40
CA VAL A 313 7.31 -21.58 18.68
C VAL A 313 7.35 -22.56 19.84
N ILE A 314 8.40 -22.44 20.65
CA ILE A 314 8.55 -23.24 21.89
CA ILE A 314 8.58 -23.24 21.90
C ILE A 314 8.31 -22.33 23.11
N ARG A 315 8.07 -22.95 24.26
CA ARG A 315 7.97 -22.26 25.58
CA ARG A 315 8.04 -22.22 25.55
C ARG A 315 9.09 -22.80 26.49
N TYR A 316 9.77 -21.92 27.19
CA TYR A 316 10.81 -22.31 28.16
C TYR A 316 10.86 -21.23 29.25
N LYS A 317 11.02 -21.68 30.49
CA LYS A 317 11.10 -20.85 31.73
CA LYS A 317 11.04 -20.79 31.69
C LYS A 317 12.23 -19.81 31.63
N GLU A 318 13.33 -20.13 30.96
CA GLU A 318 14.49 -19.23 30.84
CA GLU A 318 14.52 -19.26 30.84
C GLU A 318 14.78 -18.98 29.36
N ARG A 319 13.80 -18.45 28.63
CA ARG A 319 13.94 -18.31 27.16
C ARG A 319 15.00 -17.26 26.83
N ASP A 320 15.25 -16.26 27.67
CA ASP A 320 16.34 -15.28 27.41
C ASP A 320 17.71 -15.98 27.42
N LYS A 321 17.94 -16.79 28.43
CA LYS A 321 19.21 -17.59 28.52
C LYS A 321 19.34 -18.53 27.32
N LEU A 322 18.24 -19.18 26.94
CA LEU A 322 18.23 -20.09 25.75
C LEU A 322 18.54 -19.30 24.49
N GLN A 323 17.94 -18.12 24.28
CA GLN A 323 18.19 -17.32 23.06
C GLN A 323 19.68 -16.99 22.97
N GLN A 324 20.30 -16.54 24.08
CA GLN A 324 21.75 -16.16 24.06
C GLN A 324 22.57 -17.39 23.70
N ASN A 325 22.29 -18.53 24.27
CA ASN A 325 23.05 -19.78 24.03
CA ASN A 325 23.04 -19.79 24.04
C ASN A 325 22.87 -20.22 22.57
N LEU A 326 21.65 -20.12 22.02
CA LEU A 326 21.51 -20.45 20.60
C LEU A 326 22.36 -19.53 19.73
N LEU A 327 22.44 -18.24 20.05
CA LEU A 327 23.21 -17.26 19.24
CA LEU A 327 23.20 -17.26 19.24
C LEU A 327 24.70 -17.60 19.31
N LYS A 328 25.17 -18.05 20.47
CA LYS A 328 26.59 -18.44 20.64
CA LYS A 328 26.57 -18.48 20.70
C LYS A 328 26.90 -19.63 19.75
N CYS A 329 25.93 -20.50 19.47
CA CYS A 329 26.03 -21.66 18.53
C CYS A 329 25.81 -21.22 17.09
N GLY A 330 25.59 -19.95 16.80
CA GLY A 330 25.38 -19.42 15.45
C GLY A 330 23.94 -19.60 14.98
N ILE A 331 22.95 -19.55 15.86
CA ILE A 331 21.53 -19.75 15.47
CA ILE A 331 21.52 -19.76 15.49
C ILE A 331 20.73 -18.48 15.85
N GLN A 332 20.14 -17.83 14.86
CA GLN A 332 19.26 -16.64 15.07
CA GLN A 332 19.27 -16.65 15.08
C GLN A 332 17.86 -17.13 15.46
N THR A 333 17.26 -16.50 16.47
CA THR A 333 15.87 -16.73 16.86
C THR A 333 15.17 -15.38 16.94
N GLN A 334 13.85 -15.42 17.06
CA GLN A 334 13.02 -14.21 17.21
CA GLN A 334 13.00 -14.21 17.18
C GLN A 334 11.91 -14.54 18.19
N ILE A 335 11.16 -13.52 18.61
CA ILE A 335 10.04 -13.71 19.55
C ILE A 335 8.81 -13.10 18.92
N HIS A 336 7.70 -13.83 18.94
CA HIS A 336 6.43 -13.41 18.31
C HIS A 336 5.31 -13.49 19.32
N TYR A 337 5.18 -12.51 20.22
CA TYR A 337 5.85 -11.22 20.28
C TYR A 337 6.06 -10.94 21.77
N PRO A 338 7.17 -10.24 22.16
CA PRO A 338 7.49 -10.15 23.59
C PRO A 338 6.61 -9.19 24.39
N ILE A 339 6.01 -8.22 23.70
CA ILE A 339 5.09 -7.23 24.33
C ILE A 339 3.72 -7.40 23.67
N PRO A 340 2.75 -7.92 24.41
CA PRO A 340 1.45 -8.15 23.80
C PRO A 340 0.69 -6.84 23.54
N MET A 341 -0.29 -6.86 22.67
CA MET A 341 -0.89 -5.58 22.20
CA MET A 341 -1.05 -5.66 22.19
C MET A 341 -1.49 -4.79 23.37
N HIS A 342 -2.08 -5.39 24.37
CA HIS A 342 -2.72 -4.62 25.48
C HIS A 342 -1.66 -3.87 26.28
N ARG A 343 -0.39 -4.18 26.14
CA ARG A 343 0.71 -3.48 26.85
CA ARG A 343 0.72 -3.49 26.86
C ARG A 343 1.44 -2.50 25.94
N GLN A 344 1.03 -2.34 24.71
CA GLN A 344 1.73 -1.42 23.75
C GLN A 344 1.28 0.01 23.99
N LYS A 345 2.22 0.96 23.88
CA LYS A 345 1.98 2.40 24.13
CA LYS A 345 1.95 2.39 24.17
C LYS A 345 0.82 2.90 23.27
N ALA A 346 0.74 2.47 22.01
CA ALA A 346 -0.28 2.95 21.08
C ALA A 346 -1.70 2.80 21.65
N TYR A 347 -1.91 1.79 22.50
CA TYR A 347 -3.29 1.44 22.90
C TYR A 347 -3.56 1.78 24.36
N LEU A 348 -2.58 2.20 25.18
CA LEU A 348 -2.75 2.25 26.67
C LEU A 348 -3.87 3.22 27.03
N GLU A 349 -4.01 4.33 26.33
CA GLU A 349 -5.01 5.38 26.70
CA GLU A 349 -5.00 5.39 26.70
C GLU A 349 -6.39 4.99 26.19
N LEU A 350 -6.50 4.39 25.00
CA LEU A 350 -7.82 4.18 24.34
C LEU A 350 -8.46 2.87 24.79
N GLU A 351 -7.67 1.89 25.23
CA GLU A 351 -8.20 0.52 25.41
C GLU A 351 -9.02 0.46 26.71
N TYR A 352 -9.93 -0.50 26.76
CA TYR A 352 -10.62 -0.88 28.01
C TYR A 352 -9.63 -1.49 28.99
N ASN A 353 -9.93 -1.44 30.28
CA ASN A 353 -9.20 -2.18 31.29
C ASN A 353 -9.35 -3.69 30.97
N THR A 354 -8.26 -4.42 31.11
CA THR A 354 -8.31 -5.87 30.78
CA THR A 354 -8.07 -5.80 30.59
C THR A 354 -7.31 -6.63 31.64
N SER A 355 -7.62 -7.89 31.80
CA SER A 355 -6.82 -8.85 32.62
CA SER A 355 -6.71 -8.79 32.56
C SER A 355 -6.52 -10.06 31.74
N LEU A 356 -5.25 -10.29 31.37
CA LEU A 356 -4.91 -11.40 30.42
C LEU A 356 -3.70 -12.16 30.94
N PRO A 357 -3.85 -12.91 32.04
CA PRO A 357 -2.70 -13.54 32.70
C PRO A 357 -1.99 -14.58 31.83
N VAL A 358 -2.72 -15.33 31.00
CA VAL A 358 -2.07 -16.37 30.17
C VAL A 358 -1.21 -15.68 29.11
N THR A 359 -1.75 -14.69 28.43
CA THR A 359 -1.04 -13.93 27.39
C THR A 359 0.25 -13.37 28.03
N GLU A 360 0.12 -12.75 29.20
CA GLU A 360 1.30 -12.10 29.83
CA GLU A 360 1.27 -12.09 29.87
C GLU A 360 2.37 -13.12 30.18
N LYS A 361 2.00 -14.28 30.69
CA LYS A 361 2.98 -15.34 31.06
CA LYS A 361 2.98 -15.34 31.06
C LYS A 361 3.62 -15.89 29.77
N ILE A 362 2.82 -16.22 28.77
CA ILE A 362 3.30 -16.83 27.49
C ILE A 362 4.33 -15.89 26.86
N CYS A 363 4.06 -14.60 26.81
CA CYS A 363 4.96 -13.67 26.09
CA CYS A 363 4.96 -13.66 26.09
C CYS A 363 6.34 -13.62 26.75
N ASN A 364 6.44 -14.00 28.01
CA ASN A 364 7.74 -14.05 28.72
C ASN A 364 8.48 -15.36 28.48
N GLU A 365 7.84 -16.35 27.86
CA GLU A 365 8.37 -17.74 27.80
C GLU A 365 8.61 -18.20 26.36
N ILE A 366 8.06 -17.54 25.37
CA ILE A 366 8.08 -18.06 23.98
C ILE A 366 9.39 -17.71 23.29
N LEU A 367 9.76 -18.55 22.32
CA LEU A 367 10.89 -18.30 21.40
C LEU A 367 10.58 -19.00 20.06
N SER A 368 10.84 -18.33 18.96
CA SER A 368 10.63 -18.85 17.59
C SER A 368 11.97 -19.41 17.11
N LEU A 369 11.98 -20.69 16.68
CA LEU A 369 13.20 -21.30 16.09
C LEU A 369 13.16 -21.14 14.58
N PRO A 370 14.30 -21.18 13.86
CA PRO A 370 14.25 -21.11 12.40
C PRO A 370 13.27 -22.12 11.82
N MET A 371 12.46 -21.65 10.88
CA MET A 371 11.38 -22.46 10.28
C MET A 371 11.02 -21.85 8.94
N HIS A 372 11.35 -22.54 7.85
CA HIS A 372 11.02 -22.15 6.47
C HIS A 372 11.34 -23.36 5.61
N PRO A 373 10.84 -23.42 4.37
CA PRO A 373 10.96 -24.64 3.58
C PRO A 373 12.39 -25.00 3.14
N TRP A 374 13.36 -24.12 3.32
CA TRP A 374 14.71 -24.30 2.73
CA TRP A 374 14.72 -24.25 2.73
C TRP A 374 15.77 -24.55 3.79
N LEU A 375 15.35 -24.88 5.01
CA LEU A 375 16.22 -25.36 6.11
CA LEU A 375 16.31 -25.32 6.04
C LEU A 375 16.83 -26.71 5.72
N ARG A 376 18.17 -26.75 5.79
N ARG A 376 18.05 -27.08 6.12
CA ARG A 376 19.03 -27.88 5.35
CA ARG A 376 18.60 -28.47 5.92
C ARG A 376 19.24 -28.83 6.53
C ARG A 376 18.31 -29.37 7.13
N GLU A 377 19.55 -30.09 6.23
N GLU A 377 18.05 -30.68 6.95
CA GLU A 377 19.86 -31.13 7.24
CA GLU A 377 17.83 -31.62 8.10
C GLU A 377 20.90 -30.60 8.24
C GLU A 377 19.08 -31.62 8.98
N GLU A 378 21.95 -29.93 7.74
N GLU A 378 20.23 -31.31 8.40
CA GLU A 378 23.07 -29.38 8.56
CA GLU A 378 21.53 -31.20 9.13
C GLU A 378 22.52 -28.39 9.60
C GLU A 378 21.60 -29.86 9.85
N GLU A 379 21.44 -27.67 9.26
N GLU A 379 20.99 -28.80 9.33
CA GLU A 379 20.72 -26.75 10.19
CA GLU A 379 20.92 -27.49 10.06
C GLU A 379 19.88 -27.49 11.27
C GLU A 379 19.97 -27.66 11.25
N ILE A 380 18.88 -28.37 11.01
CA ILE A 380 17.98 -28.88 12.07
C ILE A 380 18.76 -29.61 13.17
N ARG A 381 19.64 -30.52 12.78
CA ARG A 381 20.39 -31.35 13.77
C ARG A 381 21.29 -30.42 14.58
N ARG A 382 21.90 -29.43 13.95
CA ARG A 382 22.76 -28.46 14.63
C ARG A 382 21.95 -27.68 15.68
N ILE A 383 20.75 -27.24 15.33
CA ILE A 383 19.87 -26.48 16.26
C ILE A 383 19.51 -27.40 17.43
N SER A 384 19.11 -28.63 17.14
CA SER A 384 18.78 -29.64 18.18
CA SER A 384 18.79 -29.66 18.18
C SER A 384 19.99 -29.87 19.10
N ASN A 385 21.17 -30.05 18.51
CA ASN A 385 22.39 -30.34 19.29
C ASN A 385 22.70 -29.16 20.21
N CYS A 386 22.54 -27.93 19.74
CA CYS A 386 22.80 -26.72 20.56
C CYS A 386 21.86 -26.75 21.76
N ILE A 387 20.57 -27.01 21.52
CA ILE A 387 19.57 -27.00 22.60
C ILE A 387 19.90 -28.13 23.59
N GLY A 388 20.23 -29.33 23.09
CA GLY A 388 20.57 -30.48 23.96
C GLY A 388 21.77 -30.21 24.87
N GLU A 389 22.83 -29.65 24.32
CA GLU A 389 24.06 -29.29 25.07
CA GLU A 389 24.07 -29.28 25.07
C GLU A 389 23.71 -28.23 26.13
N PHE A 390 22.91 -27.23 25.76
CA PHE A 390 22.49 -26.15 26.68
C PHE A 390 21.73 -26.76 27.86
N LEU A 391 20.76 -27.62 27.58
CA LEU A 391 19.87 -28.16 28.65
C LEU A 391 20.71 -29.07 29.54
N TRP A 392 21.67 -29.80 28.98
N TRP A 392 21.67 -29.80 28.98
CA TRP A 392 22.62 -30.62 29.76
CA TRP A 392 22.62 -30.63 29.77
C TRP A 392 23.35 -29.72 30.76
C TRP A 392 23.35 -29.72 30.75
N MET A 393 23.98 -28.66 30.27
CA MET A 393 24.89 -27.79 31.05
CA MET A 393 24.89 -27.79 31.06
C MET A 393 24.07 -27.04 32.12
N SER A 394 22.80 -26.76 31.83
CA SER A 394 21.84 -26.07 32.73
C SER A 394 21.37 -27.01 33.85
N ASN A 395 21.23 -28.31 33.55
CA ASN A 395 20.79 -29.37 34.51
C ASN A 395 22.02 -30.16 34.98
N ASP B 28 -2.51 1.61 -35.22
CA ASP B 28 -3.31 2.71 -35.84
C ASP B 28 -3.80 3.67 -34.75
N MET B 29 -4.17 3.16 -33.57
CA MET B 29 -4.66 3.98 -32.45
CA MET B 29 -4.67 4.00 -32.46
C MET B 29 -3.52 4.88 -31.95
N ILE B 30 -3.81 6.09 -31.49
CA ILE B 30 -2.85 6.86 -30.65
C ILE B 30 -3.35 6.76 -29.21
N PRO B 31 -2.75 5.88 -28.38
CA PRO B 31 -3.20 5.73 -26.99
C PRO B 31 -2.78 6.93 -26.14
N PHE B 32 -3.46 7.10 -25.02
CA PHE B 32 -3.20 8.25 -24.12
C PHE B 32 -1.77 8.25 -23.51
N VAL B 33 -1.26 7.07 -23.15
CA VAL B 33 0.14 6.89 -22.64
C VAL B 33 0.72 5.63 -23.31
N ASP B 34 2.03 5.49 -23.25
CA ASP B 34 2.70 4.30 -23.85
CA ASP B 34 2.78 4.37 -23.91
C ASP B 34 3.85 3.84 -22.95
N LEU B 35 3.47 3.05 -21.94
CA LEU B 35 4.49 2.57 -20.97
C LEU B 35 5.37 1.49 -21.62
N LYS B 36 4.89 0.77 -22.63
CA LYS B 36 5.73 -0.24 -23.34
C LYS B 36 6.93 0.46 -23.99
N ARG B 37 6.75 1.60 -24.64
CA ARG B 37 7.86 2.29 -25.35
CA ARG B 37 7.85 2.31 -25.35
C ARG B 37 8.91 2.74 -24.34
N GLU B 38 8.49 3.19 -23.16
CA GLU B 38 9.41 3.60 -22.07
CA GLU B 38 9.47 3.61 -22.15
C GLU B 38 10.32 2.40 -21.77
N TYR B 39 9.71 1.27 -21.41
CA TYR B 39 10.46 0.07 -20.94
C TYR B 39 11.51 -0.32 -21.99
N GLN B 40 11.11 -0.33 -23.25
CA GLN B 40 12.01 -0.77 -24.35
CA GLN B 40 11.96 -0.72 -24.41
C GLN B 40 13.21 0.17 -24.44
N GLU B 41 13.05 1.46 -24.12
CA GLU B 41 14.16 2.45 -24.19
CA GLU B 41 14.16 2.45 -24.20
C GLU B 41 15.22 2.17 -23.14
N ILE B 42 14.85 1.62 -21.97
CA ILE B 42 15.77 1.46 -20.82
C ILE B 42 15.77 -0.01 -20.34
N LYS B 43 15.37 -0.96 -21.20
CA LYS B 43 15.13 -2.37 -20.81
C LYS B 43 16.34 -2.94 -20.08
N GLU B 44 17.56 -2.81 -20.64
CA GLU B 44 18.76 -3.48 -20.05
CA GLU B 44 18.72 -3.51 -20.04
C GLU B 44 19.01 -2.96 -18.64
N GLU B 45 18.89 -1.64 -18.43
CA GLU B 45 19.17 -1.02 -17.11
CA GLU B 45 19.19 -1.04 -17.11
C GLU B 45 18.09 -1.46 -16.12
N ILE B 46 16.84 -1.48 -16.56
CA ILE B 46 15.70 -1.92 -15.69
C ILE B 46 15.89 -3.39 -15.29
N ASP B 47 16.15 -4.25 -16.26
CA ASP B 47 16.27 -5.70 -16.00
C ASP B 47 17.43 -5.95 -15.02
N GLN B 48 18.56 -5.24 -15.15
CA GLN B 48 19.73 -5.37 -14.24
CA GLN B 48 19.70 -5.45 -14.22
C GLN B 48 19.32 -4.97 -12.81
N ALA B 49 18.57 -3.85 -12.70
CA ALA B 49 18.12 -3.34 -11.38
C ALA B 49 17.22 -4.37 -10.68
N ILE B 50 16.26 -4.91 -11.40
CA ILE B 50 15.31 -5.92 -10.84
C ILE B 50 16.10 -7.17 -10.45
N GLN B 51 17.00 -7.64 -11.33
CA GLN B 51 17.77 -8.87 -11.03
CA GLN B 51 17.81 -8.86 -11.05
C GLN B 51 18.61 -8.67 -9.75
N ARG B 52 19.23 -7.51 -9.54
CA ARG B 52 20.05 -7.24 -8.34
C ARG B 52 19.18 -7.44 -7.08
N VAL B 53 17.94 -6.92 -7.12
CA VAL B 53 17.07 -7.02 -5.93
C VAL B 53 16.69 -8.49 -5.69
N LEU B 54 16.29 -9.21 -6.73
CA LEU B 54 15.88 -10.63 -6.58
C LEU B 54 17.05 -11.45 -6.01
N GLU B 55 18.26 -11.23 -6.50
CA GLU B 55 19.45 -12.00 -6.04
CA GLU B 55 19.44 -12.02 -6.05
C GLU B 55 19.77 -11.68 -4.59
N ARG B 56 19.52 -10.45 -4.13
CA ARG B 56 19.85 -10.01 -2.76
CA ARG B 56 19.85 -10.01 -2.76
C ARG B 56 18.85 -10.61 -1.76
N GLY B 57 17.61 -10.87 -2.20
CA GLY B 57 16.60 -11.48 -1.32
C GLY B 57 16.13 -10.55 -0.21
N TRP B 58 16.17 -9.24 -0.45
CA TRP B 58 15.78 -8.20 0.54
C TRP B 58 14.80 -7.26 -0.17
N PHE B 59 13.52 -7.35 0.20
CA PHE B 59 12.40 -6.77 -0.58
C PHE B 59 11.75 -5.58 0.14
N ILE B 60 11.98 -5.42 1.42
CA ILE B 60 11.27 -4.40 2.25
C ILE B 60 12.32 -3.58 2.99
N LEU B 61 12.22 -2.25 2.95
CA LEU B 61 13.07 -1.35 3.78
C LEU B 61 14.55 -1.70 3.65
N GLY B 62 15.04 -1.70 2.42
CA GLY B 62 16.45 -2.04 2.15
C GLY B 62 17.25 -0.88 1.59
N GLU B 63 18.36 -1.25 0.98
CA GLU B 63 19.36 -0.26 0.53
CA GLU B 63 19.39 -0.29 0.50
C GLU B 63 18.91 0.45 -0.74
N GLU B 64 18.08 -0.18 -1.57
CA GLU B 64 17.58 0.51 -2.77
C GLU B 64 16.66 1.67 -2.32
N LEU B 65 15.80 1.40 -1.35
CA LEU B 65 14.89 2.45 -0.85
C LEU B 65 15.70 3.58 -0.24
N GLU B 66 16.67 3.26 0.61
CA GLU B 66 17.48 4.33 1.25
CA GLU B 66 17.49 4.33 1.26
C GLU B 66 18.17 5.18 0.17
N ALA B 67 18.74 4.55 -0.83
CA ALA B 67 19.48 5.27 -1.88
C ALA B 67 18.52 6.11 -2.71
N PHE B 68 17.34 5.56 -3.05
CA PHE B 68 16.35 6.32 -3.84
C PHE B 68 15.87 7.54 -3.04
N GLU B 69 15.61 7.33 -1.75
CA GLU B 69 15.15 8.46 -0.92
C GLU B 69 16.18 9.58 -0.94
N LYS B 70 17.47 9.22 -0.81
CA LYS B 70 18.54 10.26 -0.83
CA LYS B 70 18.58 10.22 -0.84
C LYS B 70 18.63 10.89 -2.21
N GLU B 71 18.59 10.12 -3.25
CA GLU B 71 18.74 10.61 -4.63
C GLU B 71 17.56 11.54 -4.97
N PHE B 72 16.33 11.12 -4.68
CA PHE B 72 15.14 11.91 -5.05
C PHE B 72 15.06 13.18 -4.20
N SER B 73 15.32 13.10 -2.91
CA SER B 73 15.30 14.31 -2.05
C SER B 73 16.39 15.28 -2.52
N SER B 74 17.57 14.77 -2.90
CA SER B 74 18.65 15.65 -3.42
CA SER B 74 18.66 15.65 -3.42
C SER B 74 18.21 16.31 -4.72
N TYR B 75 17.56 15.59 -5.61
CA TYR B 75 17.03 16.14 -6.87
C TYR B 75 16.05 17.29 -6.60
N ILE B 76 15.14 17.11 -5.65
CA ILE B 76 14.11 18.12 -5.32
C ILE B 76 14.73 19.27 -4.52
N GLY B 77 15.80 19.02 -3.80
CA GLY B 77 16.40 20.04 -2.94
C GLY B 77 15.83 20.02 -1.53
N ALA B 78 15.43 18.84 -1.02
CA ALA B 78 14.98 18.64 0.36
C ALA B 78 16.00 17.76 1.09
N LYS B 79 16.05 17.83 2.40
CA LYS B 79 17.06 17.07 3.16
CA LYS B 79 17.05 17.09 3.20
C LYS B 79 16.71 15.59 3.25
N TYR B 80 15.40 15.25 3.33
CA TYR B 80 14.97 13.87 3.64
C TYR B 80 13.85 13.41 2.69
N GLY B 81 13.92 12.13 2.32
CA GLY B 81 12.87 11.45 1.55
C GLY B 81 12.37 10.26 2.34
N ILE B 82 11.05 10.06 2.34
CA ILE B 82 10.39 8.95 3.04
C ILE B 82 9.46 8.26 2.04
N GLY B 83 9.94 7.17 1.46
CA GLY B 83 9.16 6.42 0.48
C GLY B 83 7.98 5.67 1.10
N VAL B 84 6.84 5.76 0.44
CA VAL B 84 5.57 5.16 0.92
C VAL B 84 4.89 4.47 -0.25
N ASN B 85 3.74 3.86 -0.01
CA ASN B 85 3.14 3.00 -1.05
C ASN B 85 2.47 3.79 -2.16
N SER B 86 2.13 5.07 -1.98
CA SER B 86 1.34 5.82 -2.96
C SER B 86 1.43 7.32 -2.70
N GLY B 87 1.10 8.11 -3.70
CA GLY B 87 0.89 9.55 -3.46
C GLY B 87 -0.25 9.78 -2.48
N SER B 88 -1.27 8.93 -2.54
CA SER B 88 -2.44 9.06 -1.64
C SER B 88 -1.93 8.95 -0.20
N ASP B 89 -1.06 7.99 0.10
CA ASP B 89 -0.50 7.83 1.45
C ASP B 89 0.52 8.89 1.78
N ALA B 90 1.28 9.39 0.79
CA ALA B 90 2.19 10.50 1.06
C ALA B 90 1.38 11.67 1.65
N LEU B 91 0.28 12.00 1.00
CA LEU B 91 -0.60 13.10 1.49
C LEU B 91 -1.23 12.75 2.83
N TYR B 92 -1.81 11.56 2.95
CA TYR B 92 -2.49 11.13 4.20
C TYR B 92 -1.52 11.14 5.37
N LEU B 93 -0.38 10.52 5.23
CA LEU B 93 0.63 10.44 6.32
C LEU B 93 1.26 11.82 6.56
N GLY B 94 1.46 12.62 5.52
CA GLY B 94 1.96 13.98 5.70
C GLY B 94 1.03 14.81 6.59
N VAL B 95 -0.25 14.80 6.30
CA VAL B 95 -1.26 15.50 7.15
C VAL B 95 -1.19 14.93 8.57
N LYS B 96 -1.17 13.61 8.70
CA LYS B 96 -1.16 12.97 10.04
CA LYS B 96 -1.15 12.96 10.04
C LYS B 96 0.09 13.37 10.83
N ALA B 97 1.27 13.34 10.20
CA ALA B 97 2.55 13.59 10.89
C ALA B 97 2.59 15.04 11.37
N LEU B 98 1.94 15.97 10.66
CA LEU B 98 1.88 17.39 11.05
C LEU B 98 0.89 17.58 12.21
N GLY B 99 0.19 16.55 12.67
CA GLY B 99 -0.72 16.67 13.82
C GLY B 99 -2.08 17.24 13.46
N ILE B 100 -2.46 17.18 12.20
CA ILE B 100 -3.72 17.72 11.70
C ILE B 100 -4.79 16.63 11.80
N GLY B 101 -5.91 16.94 12.42
CA GLY B 101 -6.95 15.95 12.68
C GLY B 101 -8.25 16.57 13.11
N LYS B 102 -8.99 15.87 13.99
CA LYS B 102 -10.32 16.36 14.42
CA LYS B 102 -10.31 16.34 14.47
C LYS B 102 -10.20 17.77 15.03
N GLY B 103 -11.13 18.61 14.59
CA GLY B 103 -11.18 20.03 15.03
C GLY B 103 -10.36 20.95 14.16
N ASP B 104 -9.64 20.42 13.15
CA ASP B 104 -8.76 21.23 12.30
C ASP B 104 -9.36 21.38 10.91
N GLU B 105 -8.95 22.46 10.22
CA GLU B 105 -9.34 22.73 8.83
C GLU B 105 -8.08 22.85 7.98
N VAL B 106 -8.23 22.40 6.72
CA VAL B 106 -7.15 22.54 5.72
C VAL B 106 -7.77 23.19 4.49
N ILE B 107 -7.20 24.32 4.06
CA ILE B 107 -7.69 25.00 2.85
C ILE B 107 -7.06 24.35 1.62
N THR B 108 -7.90 24.01 0.65
CA THR B 108 -7.41 23.35 -0.58
C THR B 108 -8.37 23.69 -1.71
N VAL B 109 -8.15 23.03 -2.84
CA VAL B 109 -9.01 23.16 -4.03
C VAL B 109 -9.98 21.98 -4.15
N SER B 110 -11.07 22.23 -4.82
CA SER B 110 -12.00 21.18 -5.30
C SER B 110 -11.53 20.60 -6.63
N HIS B 111 -10.84 21.38 -7.46
CA HIS B 111 -10.32 20.94 -8.76
C HIS B 111 -8.99 20.22 -8.53
N THR B 112 -9.06 18.92 -8.24
CA THR B 112 -7.90 18.07 -7.93
C THR B 112 -8.37 16.63 -7.95
N PHE B 113 -7.41 15.73 -7.82
CA PHE B 113 -7.69 14.29 -7.66
C PHE B 113 -8.25 13.99 -6.27
N ILE B 114 -9.10 12.96 -6.19
CA ILE B 114 -9.73 12.40 -4.94
C ILE B 114 -8.78 12.49 -3.77
N SER B 115 -7.60 11.92 -3.90
CA SER B 115 -6.70 11.65 -2.77
C SER B 115 -6.22 12.93 -2.08
N THR B 116 -6.17 14.06 -2.77
CA THR B 116 -5.78 15.32 -2.12
C THR B 116 -6.74 15.57 -0.94
N VAL B 117 -8.04 15.42 -1.18
CA VAL B 117 -9.09 15.75 -0.18
C VAL B 117 -9.26 14.57 0.77
N ASP B 118 -9.20 13.34 0.30
CA ASP B 118 -9.33 12.20 1.24
C ASP B 118 -8.19 12.27 2.28
N ALA B 119 -7.02 12.81 1.96
CA ALA B 119 -5.92 12.91 2.92
C ALA B 119 -6.37 13.69 4.17
N ILE B 120 -7.13 14.75 3.93
CA ILE B 120 -7.66 15.64 5.00
C ILE B 120 -8.75 14.89 5.81
N VAL B 121 -9.74 14.37 5.12
CA VAL B 121 -10.94 13.77 5.75
C VAL B 121 -10.54 12.49 6.50
N ARG B 122 -9.63 11.67 5.96
CA ARG B 122 -9.27 10.42 6.63
C ARG B 122 -8.61 10.71 7.99
N ASN B 123 -8.02 11.88 8.19
CA ASN B 123 -7.41 12.28 9.46
C ASN B 123 -8.44 12.92 10.40
N GLY B 124 -9.66 13.08 9.95
CA GLY B 124 -10.69 13.70 10.81
C GLY B 124 -10.76 15.18 10.66
N ALA B 125 -9.90 15.79 9.87
CA ALA B 125 -9.94 17.25 9.60
C ALA B 125 -10.98 17.56 8.52
N LYS B 126 -11.33 18.84 8.37
CA LYS B 126 -12.32 19.24 7.36
CA LYS B 126 -12.35 19.33 7.42
C LYS B 126 -11.65 20.09 6.30
N PRO B 127 -11.91 19.74 5.03
CA PRO B 127 -11.40 20.55 3.93
CA PRO B 127 -11.43 20.53 3.90
C PRO B 127 -12.25 21.82 3.81
N VAL B 128 -11.62 22.90 3.44
CA VAL B 128 -12.29 24.19 3.14
C VAL B 128 -11.86 24.57 1.71
N PHE B 129 -12.78 24.59 0.79
CA PHE B 129 -12.46 24.72 -0.63
C PHE B 129 -12.37 26.18 -1.04
N VAL B 130 -11.40 26.45 -1.92
CA VAL B 130 -11.36 27.74 -2.66
CA VAL B 130 -11.18 27.71 -2.63
C VAL B 130 -11.29 27.45 -4.15
N ASP B 131 -11.66 28.44 -4.93
CA ASP B 131 -11.74 28.29 -6.39
C ASP B 131 -10.32 28.30 -6.98
N ILE B 132 -10.27 28.08 -8.28
CA ILE B 132 -9.04 28.08 -9.08
C ILE B 132 -8.98 29.32 -9.98
N ASP B 133 -7.76 29.60 -10.38
CA ASP B 133 -7.44 30.54 -11.49
CA ASP B 133 -7.43 30.54 -11.49
C ASP B 133 -7.75 29.83 -12.80
N PRO B 134 -8.53 30.43 -13.72
CA PRO B 134 -8.89 29.75 -14.97
C PRO B 134 -7.72 29.53 -15.94
N GLU B 135 -6.65 30.28 -15.79
CA GLU B 135 -5.48 30.18 -16.72
CA GLU B 135 -5.45 30.21 -16.69
C GLU B 135 -4.60 29.01 -16.30
N THR B 136 -4.31 28.88 -14.99
CA THR B 136 -3.34 27.90 -14.48
C THR B 136 -4.02 26.63 -13.96
N TYR B 137 -5.31 26.70 -13.68
CA TYR B 137 -6.07 25.59 -13.05
C TYR B 137 -5.59 25.32 -11.62
N THR B 138 -4.86 26.25 -11.00
CA THR B 138 -4.33 26.12 -9.63
C THR B 138 -5.03 27.12 -8.67
N ILE B 139 -4.88 26.87 -7.39
CA ILE B 139 -5.59 27.56 -6.31
C ILE B 139 -5.57 29.08 -6.52
N ASP B 140 -6.72 29.73 -6.39
CA ASP B 140 -6.82 31.21 -6.47
C ASP B 140 -6.37 31.79 -5.12
N VAL B 141 -5.15 32.28 -5.09
CA VAL B 141 -4.50 32.72 -3.84
C VAL B 141 -5.20 33.95 -3.28
N SER B 142 -5.94 34.70 -4.09
CA SER B 142 -6.68 35.89 -3.63
C SER B 142 -7.92 35.50 -2.82
N GLN B 143 -8.31 34.22 -2.77
CA GLN B 143 -9.54 33.79 -2.08
CA GLN B 143 -9.54 33.74 -2.09
C GLN B 143 -9.19 33.00 -0.81
N ILE B 144 -7.93 32.78 -0.52
CA ILE B 144 -7.52 31.95 0.65
C ILE B 144 -7.80 32.66 1.97
N GLU B 145 -7.36 33.90 2.12
CA GLU B 145 -7.33 34.55 3.45
CA GLU B 145 -7.32 34.50 3.48
C GLU B 145 -8.73 34.63 4.07
N LYS B 146 -9.73 34.92 3.28
CA LYS B 146 -11.12 35.12 3.79
CA LYS B 146 -11.10 35.14 3.82
C LYS B 146 -11.65 33.81 4.36
N LYS B 147 -11.07 32.67 4.01
CA LYS B 147 -11.58 31.36 4.50
C LYS B 147 -10.81 30.92 5.75
N ILE B 148 -9.81 31.61 6.21
CA ILE B 148 -9.03 31.23 7.40
C ILE B 148 -9.89 31.41 8.66
N THR B 149 -9.86 30.43 9.54
CA THR B 149 -10.54 30.45 10.87
C THR B 149 -9.53 30.06 11.92
N GLU B 150 -9.92 30.09 13.18
CA GLU B 150 -9.11 29.57 14.31
C GLU B 150 -8.79 28.08 14.13
N ARG B 151 -9.55 27.37 13.31
CA ARG B 151 -9.29 25.92 13.09
C ARG B 151 -8.29 25.68 11.97
N THR B 152 -8.01 26.65 11.12
CA THR B 152 -7.13 26.38 9.94
C THR B 152 -5.76 26.03 10.45
N LYS B 153 -5.17 24.92 9.95
CA LYS B 153 -3.80 24.49 10.31
CA LYS B 153 -3.82 24.49 10.30
C LYS B 153 -2.88 24.46 9.08
N ALA B 154 -3.44 24.40 7.88
CA ALA B 154 -2.59 24.21 6.67
C ALA B 154 -3.34 24.71 5.46
N ILE B 155 -2.52 24.99 4.44
CA ILE B 155 -2.94 25.20 3.04
C ILE B 155 -2.33 24.03 2.24
N LEU B 156 -3.14 23.47 1.37
CA LEU B 156 -2.70 22.30 0.56
C LEU B 156 -2.87 22.66 -0.91
N PRO B 157 -1.91 23.42 -1.49
CA PRO B 157 -1.98 23.72 -2.93
C PRO B 157 -1.62 22.49 -3.78
N VAL B 158 -2.19 22.46 -4.97
CA VAL B 158 -1.91 21.37 -5.94
C VAL B 158 -1.25 21.95 -7.18
N HIS B 159 -0.13 21.37 -7.57
CA HIS B 159 0.62 21.78 -8.79
C HIS B 159 0.02 21.05 -10.00
N LEU B 160 -1.23 21.38 -10.31
CA LEU B 160 -2.05 20.52 -11.17
C LEU B 160 -1.51 20.54 -12.61
N TYR B 161 -1.50 19.35 -13.21
CA TYR B 161 -1.11 19.07 -14.62
C TYR B 161 0.39 19.25 -14.85
N GLY B 162 1.17 19.63 -13.84
CA GLY B 162 2.61 19.90 -13.99
C GLY B 162 2.95 21.38 -13.90
N HIS B 163 2.01 22.26 -13.64
CA HIS B 163 2.26 23.71 -13.45
C HIS B 163 2.28 24.02 -11.96
N PRO B 164 3.26 24.77 -11.46
CA PRO B 164 3.23 25.17 -10.04
CA PRO B 164 3.23 25.18 -10.05
C PRO B 164 2.07 26.11 -9.71
N ALA B 165 1.55 25.95 -8.51
CA ALA B 165 0.71 26.99 -7.88
C ALA B 165 1.56 28.24 -7.59
N ASP B 166 0.90 29.35 -7.29
CA ASP B 166 1.58 30.63 -6.95
C ASP B 166 2.13 30.52 -5.54
N MET B 167 3.29 29.91 -5.41
CA MET B 167 3.87 29.57 -4.09
C MET B 167 4.34 30.81 -3.34
N GLY B 168 4.70 31.88 -4.02
CA GLY B 168 5.11 33.09 -3.24
C GLY B 168 3.95 33.63 -2.41
N SER B 169 2.78 33.72 -3.00
CA SER B 169 1.54 34.16 -2.30
C SER B 169 1.17 33.14 -1.19
N ILE B 170 1.24 31.85 -1.48
CA ILE B 170 0.88 30.81 -0.50
C ILE B 170 1.82 30.88 0.69
N MET B 171 3.13 30.97 0.47
CA MET B 171 4.10 31.03 1.59
C MET B 171 3.92 32.35 2.38
N GLU B 172 3.57 33.46 1.73
CA GLU B 172 3.27 34.74 2.44
CA GLU B 172 3.31 34.73 2.48
C GLU B 172 2.12 34.51 3.41
N ILE B 173 1.05 33.86 2.95
CA ILE B 173 -0.14 33.60 3.81
C ILE B 173 0.27 32.63 4.89
N GLY B 174 1.00 31.57 4.58
CA GLY B 174 1.44 30.61 5.59
C GLY B 174 2.22 31.29 6.71
N GLU B 175 3.11 32.24 6.35
CA GLU B 175 3.93 32.94 7.36
CA GLU B 175 3.94 32.96 7.35
C GLU B 175 3.05 33.87 8.19
N LYS B 176 2.17 34.63 7.55
CA LYS B 176 1.34 35.64 8.24
C LYS B 176 0.40 34.97 9.23
N TYR B 177 -0.16 33.81 8.88
CA TYR B 177 -1.19 33.12 9.68
C TYR B 177 -0.65 31.89 10.39
N SER B 178 0.67 31.66 10.37
CA SER B 178 1.29 30.49 11.01
C SER B 178 0.60 29.18 10.62
N LEU B 179 0.50 28.94 9.30
CA LEU B 179 -0.09 27.71 8.73
C LEU B 179 1.00 26.86 8.09
N PHE B 180 0.89 25.55 8.21
CA PHE B 180 1.72 24.64 7.40
C PHE B 180 1.30 24.76 5.94
N VAL B 181 2.26 24.49 5.06
CA VAL B 181 2.01 24.40 3.61
C VAL B 181 2.42 23.01 3.18
N ILE B 182 1.46 22.28 2.61
CA ILE B 182 1.63 20.89 2.16
C ILE B 182 1.52 20.90 0.65
N GLU B 183 2.59 20.55 -0.06
CA GLU B 183 2.53 20.63 -1.54
C GLU B 183 2.06 19.29 -2.09
N ASP B 184 0.97 19.29 -2.85
CA ASP B 184 0.60 18.12 -3.69
C ASP B 184 1.31 18.28 -5.03
N ALA B 185 2.46 17.65 -5.14
CA ALA B 185 3.34 17.67 -6.32
C ALA B 185 3.24 16.36 -7.10
N CYS B 186 2.15 15.61 -6.92
CA CYS B 186 2.04 14.28 -7.54
C CYS B 186 1.98 14.33 -9.06
N GLN B 187 1.62 15.43 -9.68
CA GLN B 187 1.59 15.62 -11.15
C GLN B 187 2.75 16.50 -11.63
N ALA B 188 3.77 16.73 -10.80
CA ALA B 188 4.67 17.87 -11.10
C ALA B 188 6.12 17.55 -10.81
N HIS B 189 6.57 16.32 -10.93
CA HIS B 189 7.98 15.95 -10.71
C HIS B 189 8.88 16.80 -11.61
N GLY B 190 9.76 17.60 -11.02
CA GLY B 190 10.71 18.45 -11.77
C GLY B 190 10.17 19.79 -12.12
N ALA B 191 8.91 20.13 -11.87
CA ALA B 191 8.40 21.47 -12.14
C ALA B 191 9.10 22.43 -11.19
N GLU B 192 9.19 23.68 -11.62
CA GLU B 192 9.91 24.73 -10.86
C GLU B 192 9.05 25.99 -10.72
N TYR B 193 9.20 26.61 -9.58
CA TYR B 193 8.59 27.89 -9.20
C TYR B 193 9.74 28.88 -8.93
N ASN B 194 9.86 29.90 -9.78
CA ASN B 194 11.00 30.86 -9.68
C ASN B 194 12.32 30.14 -9.40
N GLY B 195 12.57 29.06 -10.14
CA GLY B 195 13.84 28.32 -10.15
C GLY B 195 13.98 27.31 -9.05
N LYS B 196 12.99 27.17 -8.18
CA LYS B 196 13.03 26.17 -7.10
CA LYS B 196 13.01 26.18 -7.07
C LYS B 196 12.13 24.98 -7.45
N LYS B 197 12.58 23.78 -7.25
CA LYS B 197 11.75 22.59 -7.52
C LYS B 197 10.53 22.59 -6.60
N VAL B 198 9.36 22.39 -7.22
CA VAL B 198 8.18 22.15 -6.36
C VAL B 198 8.40 20.90 -5.52
N GLY B 199 7.81 20.95 -4.34
CA GLY B 199 7.99 19.93 -3.30
C GLY B 199 9.02 20.32 -2.27
N SER B 200 9.89 21.29 -2.58
CA SER B 200 10.99 21.74 -1.68
C SER B 200 10.59 23.03 -0.94
N ILE B 201 9.42 23.56 -1.19
CA ILE B 201 9.08 24.94 -0.75
C ILE B 201 8.26 24.89 0.54
N GLY B 202 7.22 24.07 0.59
CA GLY B 202 6.41 23.95 1.80
C GLY B 202 7.06 23.11 2.88
N ASP B 203 6.35 22.89 3.96
CA ASP B 203 6.84 22.05 5.08
C ASP B 203 7.11 20.63 4.59
N ILE B 204 6.22 20.10 3.74
CA ILE B 204 6.42 18.79 3.08
C ILE B 204 6.02 18.92 1.62
N GLY B 205 6.60 18.04 0.84
CA GLY B 205 6.21 17.83 -0.56
C GLY B 205 5.82 16.39 -0.78
N CYS B 206 4.72 16.17 -1.46
CA CYS B 206 4.18 14.81 -1.65
C CYS B 206 4.19 14.50 -3.13
N PHE B 207 4.66 13.31 -3.47
CA PHE B 207 4.73 12.87 -4.86
C PHE B 207 4.15 11.44 -4.98
N SER B 208 3.59 11.17 -6.16
CA SER B 208 3.13 9.83 -6.59
C SER B 208 4.13 9.26 -7.58
N PHE B 209 4.31 7.96 -7.58
CA PHE B 209 5.03 7.22 -8.64
C PHE B 209 4.07 6.24 -9.28
N TYR B 210 2.79 6.54 -9.28
CA TYR B 210 1.81 5.76 -10.07
C TYR B 210 2.38 5.66 -11.51
N PRO B 211 2.18 4.53 -12.22
CA PRO B 211 2.98 4.29 -13.44
C PRO B 211 2.93 5.35 -14.54
N THR B 212 1.84 6.10 -14.64
CA THR B 212 1.67 7.13 -15.69
C THR B 212 2.20 8.48 -15.27
N1 LLP B 213 -2.82 13.84 -6.05
C2 LLP B 213 -2.77 14.08 -7.36
C2' LLP B 213 -2.89 15.50 -7.81
C3 LLP B 213 -2.56 13.04 -8.25
O3 LLP B 213 -2.49 13.26 -9.58
C4 LLP B 213 -2.42 11.73 -7.81
C4' LLP B 213 -2.04 10.73 -8.85
C5 LLP B 213 -2.54 11.49 -6.43
C6 LLP B 213 -2.75 12.57 -5.61
C5' LLP B 213 -2.59 10.14 -5.77
OP4 LLP B 213 -1.43 9.32 -6.04
P LLP B 213 -1.51 7.69 -6.11
OP1 LLP B 213 -2.14 7.25 -4.80
OP2 LLP B 213 -2.29 7.34 -7.30
OP3 LLP B 213 -0.06 7.36 -6.15
N LLP B 213 2.73 8.63 -14.07
CA LLP B 213 3.26 9.94 -13.63
CB LLP B 213 3.40 10.00 -12.09
CG LLP B 213 2.12 9.77 -11.28
CD LLP B 213 0.90 10.71 -11.36
CE LLP B 213 -0.44 10.13 -10.68
NZ LLP B 213 -1.23 11.08 -9.89
C LLP B 213 4.58 10.21 -14.33
O LLP B 213 5.21 9.35 -14.95
H2'1 LLP B 213 -2.85 15.54 -8.77
H2'2 LLP B 213 -2.17 16.02 -7.42
H2'3 LLP B 213 -3.74 15.86 -7.50
HO3 LLP B 213 -2.36 12.51 -9.96
H4'1 LLP B 213 -2.36 9.85 -8.78
H6 LLP B 213 -2.87 12.41 -4.70
H5'1 LLP B 213 -3.38 9.65 -6.08
H5'2 LLP B 213 -2.66 10.25 -4.79
H LLP B 213 2.79 7.85 -13.44
HA LLP B 213 2.62 10.63 -13.90
HB2 LLP B 213 3.76 10.87 -11.86
HB3 LLP B 213 4.06 9.32 -11.82
HG2 LLP B 213 2.39 9.75 -10.34
HG3 LLP B 213 1.80 8.87 -11.50
HD2 LLP B 213 0.71 10.90 -12.31
HD3 LLP B 213 1.12 11.56 -10.93
HE2 LLP B 213 -0.19 9.38 -10.10
HE3 LLP B 213 -1.01 9.76 -11.40
N ASN B 214 5.05 11.46 -14.26
CA ASN B 214 6.22 11.83 -15.04
C ASN B 214 7.43 10.99 -14.63
N LEU B 215 7.56 10.65 -13.34
CA LEU B 215 8.47 9.59 -12.85
C LEU B 215 7.55 8.49 -12.34
N GLY B 216 7.44 7.39 -13.06
CA GLY B 216 6.49 6.32 -12.79
C GLY B 216 7.15 5.01 -12.41
N ALA B 217 6.63 4.31 -11.44
CA ALA B 217 7.08 2.97 -11.05
C ALA B 217 6.34 1.92 -11.90
N TYR B 218 6.61 0.66 -11.58
CA TYR B 218 5.96 -0.52 -12.16
CA TYR B 218 5.90 -0.47 -12.22
C TYR B 218 5.00 -1.14 -11.17
N GLY B 219 4.23 -0.29 -10.50
CA GLY B 219 3.32 -0.63 -9.40
C GLY B 219 3.04 0.65 -8.65
N ASP B 220 2.34 0.56 -7.54
CA ASP B 220 2.06 1.75 -6.73
C ASP B 220 3.34 2.20 -6.00
N GLY B 221 3.50 3.51 -5.83
CA GLY B 221 4.57 4.05 -4.99
C GLY B 221 4.37 5.54 -4.76
N GLY B 222 5.05 6.08 -3.76
CA GLY B 222 5.03 7.52 -3.50
C GLY B 222 6.17 7.91 -2.59
N ILE B 223 6.24 9.21 -2.27
CA ILE B 223 7.27 9.71 -1.35
C ILE B 223 6.84 11.04 -0.72
N VAL B 224 7.26 11.24 0.51
CA VAL B 224 7.21 12.55 1.16
C VAL B 224 8.63 13.08 1.24
N VAL B 225 8.83 14.34 0.90
CA VAL B 225 10.12 15.00 1.18
C VAL B 225 9.92 16.12 2.19
N THR B 226 10.97 16.40 2.96
CA THR B 226 10.93 17.45 3.99
C THR B 226 12.34 17.80 4.43
N ASN B 227 12.47 18.98 5.04
CA ASN B 227 13.73 19.37 5.69
C ASN B 227 13.66 19.17 7.20
N ASP B 228 12.53 18.74 7.75
CA ASP B 228 12.36 18.63 9.22
C ASP B 228 12.70 17.20 9.66
N ASP B 229 13.77 17.04 10.44
CA ASP B 229 14.24 15.68 10.82
CA ASP B 229 14.29 15.72 10.91
C ASP B 229 13.20 15.03 11.76
N GLU B 230 12.55 15.78 12.61
CA GLU B 230 11.55 15.19 13.55
CA GLU B 230 11.55 15.21 13.55
C GLU B 230 10.36 14.69 12.72
N LEU B 231 9.90 15.46 11.75
CA LEU B 231 8.77 15.04 10.90
CA LEU B 231 8.77 15.07 10.84
C LEU B 231 9.19 13.81 10.09
N ALA B 232 10.40 13.78 9.53
CA ALA B 232 10.89 12.62 8.76
C ALA B 232 10.85 11.37 9.64
N ASN B 233 11.35 11.46 10.88
CA ASN B 233 11.36 10.33 11.83
CA ASN B 233 11.36 10.31 11.80
C ASN B 233 9.92 9.87 12.10
N LYS B 234 8.99 10.80 12.31
CA LYS B 234 7.58 10.41 12.60
CA LYS B 234 7.57 10.42 12.60
C LYS B 234 7.00 9.69 11.39
N LEU B 235 7.27 10.18 10.18
CA LEU B 235 6.81 9.52 8.95
C LEU B 235 7.39 8.11 8.81
N ARG B 236 8.67 7.90 9.14
CA ARG B 236 9.26 6.54 9.06
C ARG B 236 8.62 5.60 10.08
N THR B 237 8.21 6.10 11.23
CA THR B 237 7.48 5.30 12.24
C THR B 237 6.07 4.97 11.72
N LEU B 238 5.33 5.98 11.25
CA LEU B 238 3.94 5.80 10.83
C LEU B 238 3.84 4.81 9.68
N ARG B 239 4.77 4.82 8.73
CA ARG B 239 4.69 3.98 7.51
C ARG B 239 4.98 2.51 7.85
N ASN B 240 5.60 2.26 8.99
CA ASN B 240 6.09 0.93 9.40
C ASN B 240 5.26 0.41 10.58
N TYR B 241 3.95 0.34 10.37
CA TYR B 241 2.98 -0.19 11.36
C TYR B 241 3.03 0.64 12.66
N GLY B 242 3.38 1.92 12.58
N GLY B 242 3.56 1.87 12.68
CA GLY B 242 3.53 2.74 13.80
CA GLY B 242 3.64 2.66 13.93
C GLY B 242 4.49 2.10 14.76
C GLY B 242 4.83 2.31 14.81
N SER B 243 5.63 1.63 14.26
N SER B 243 5.72 1.46 14.30
CA SER B 243 6.70 0.98 15.03
CA SER B 243 6.81 0.84 15.08
C SER B 243 7.99 1.74 14.73
C SER B 243 8.11 1.58 14.76
N SER B 244 8.67 2.27 15.74
CA SER B 244 9.95 3.01 15.58
C SER B 244 11.11 2.03 15.83
N LYS B 245 10.86 0.98 16.63
CA LYS B 245 11.88 -0.03 16.99
CA LYS B 245 11.89 -0.03 17.00
C LYS B 245 11.21 -1.41 17.07
N LYS B 246 11.98 -2.45 16.78
CA LYS B 246 11.49 -3.85 16.81
C LYS B 246 10.77 -4.06 18.14
N TYR B 247 9.57 -4.61 18.06
CA TYR B 247 8.73 -5.12 19.18
C TYR B 247 7.84 -3.99 19.78
N TYR B 248 7.98 -2.74 19.33
CA TYR B 248 7.21 -1.59 19.86
C TYR B 248 6.17 -1.13 18.85
N HIS B 249 5.04 -0.64 19.37
CA HIS B 249 3.93 -0.02 18.63
C HIS B 249 3.61 1.27 19.38
N GLU B 250 4.27 2.40 19.06
CA GLU B 250 4.17 3.67 19.83
CA GLU B 250 4.13 3.64 19.89
C GLU B 250 2.88 4.42 19.45
N PHE B 251 2.49 4.32 18.19
CA PHE B 251 1.41 5.10 17.56
C PHE B 251 0.59 4.16 16.71
N VAL B 252 -0.69 4.37 16.54
CA VAL B 252 -1.47 3.70 15.49
C VAL B 252 -0.94 4.20 14.16
N GLY B 253 -0.51 3.30 13.30
CA GLY B 253 0.07 3.67 12.00
C GLY B 253 -0.55 2.83 10.92
N VAL B 254 0.21 2.63 9.86
CA VAL B 254 -0.25 1.90 8.64
C VAL B 254 0.93 1.07 8.14
N ASN B 255 0.66 0.25 7.17
CA ASN B 255 1.73 -0.35 6.34
C ASN B 255 1.76 0.40 5.02
N SER B 256 2.71 1.32 4.84
CA SER B 256 2.77 2.08 3.59
C SER B 256 4.22 2.33 3.19
N ARG B 257 4.79 1.38 2.43
CA ARG B 257 6.24 1.40 2.14
C ARG B 257 6.43 1.28 0.64
N LEU B 258 7.47 1.93 0.14
CA LEU B 258 7.92 1.80 -1.26
C LEU B 258 8.84 0.57 -1.37
N ASP B 259 8.37 -0.44 -2.08
CA ASP B 259 9.09 -1.73 -2.21
C ASP B 259 10.51 -1.52 -2.75
N GLU B 260 11.46 -2.34 -2.28
CA GLU B 260 12.83 -2.34 -2.82
C GLU B 260 12.83 -2.44 -4.33
N ILE B 261 12.04 -3.30 -4.93
CA ILE B 261 12.07 -3.52 -6.40
CA ILE B 261 12.06 -3.52 -6.42
C ILE B 261 11.65 -2.22 -7.11
N GLN B 262 10.66 -1.52 -6.56
CA GLN B 262 10.16 -0.26 -7.16
C GLN B 262 11.19 0.84 -6.91
N ALA B 263 11.81 0.93 -5.74
CA ALA B 263 12.87 1.91 -5.50
C ALA B 263 13.99 1.68 -6.54
N ALA B 264 14.37 0.44 -6.77
CA ALA B 264 15.51 0.13 -7.67
C ALA B 264 15.18 0.63 -9.07
N ILE B 265 14.00 0.38 -9.58
CA ILE B 265 13.43 0.82 -10.89
CA ILE B 265 13.70 0.84 -10.95
C ILE B 265 13.47 2.36 -10.95
N LEU B 266 13.01 2.99 -9.87
CA LEU B 266 12.87 4.45 -9.85
C LEU B 266 14.26 5.12 -9.84
N ARG B 267 15.28 4.48 -9.25
CA ARG B 267 16.65 5.05 -9.29
C ARG B 267 17.11 5.12 -10.75
N VAL B 268 16.79 4.12 -11.54
CA VAL B 268 17.16 4.14 -12.99
C VAL B 268 16.40 5.27 -13.66
N LYS B 269 15.08 5.34 -13.49
CA LYS B 269 14.23 6.29 -14.25
CA LYS B 269 14.26 6.29 -14.25
C LYS B 269 14.54 7.73 -13.82
N LEU B 270 14.91 7.97 -12.58
CA LEU B 270 15.18 9.34 -12.11
C LEU B 270 16.31 9.96 -12.97
N LYS B 271 17.25 9.15 -13.43
N LYS B 271 17.26 9.14 -13.44
CA LYS B 271 18.37 9.72 -14.21
CA LYS B 271 18.39 9.59 -14.30
C LYS B 271 17.85 10.28 -15.54
C LYS B 271 17.90 10.15 -15.64
N TYR B 272 16.68 9.83 -16.03
CA TYR B 272 16.09 10.26 -17.30
C TYR B 272 15.02 11.35 -17.13
N LEU B 273 14.66 11.70 -15.90
CA LEU B 273 13.47 12.55 -15.67
C LEU B 273 13.61 13.91 -16.37
N GLU B 274 14.78 14.56 -16.23
CA GLU B 274 14.94 15.87 -16.87
C GLU B 274 14.83 15.76 -18.40
N GLU B 275 15.43 14.74 -18.99
CA GLU B 275 15.36 14.53 -20.45
C GLU B 275 13.92 14.26 -20.88
N TRP B 276 13.21 13.41 -20.13
CA TRP B 276 11.82 13.07 -20.50
C TRP B 276 10.89 14.27 -20.32
N ASN B 277 11.08 15.08 -19.29
CA ASN B 277 10.30 16.31 -19.13
C ASN B 277 10.59 17.31 -20.27
N GLU B 278 11.82 17.36 -20.75
CA GLU B 278 12.15 18.22 -21.92
CA GLU B 278 12.16 18.22 -21.92
C GLU B 278 11.42 17.70 -23.16
N LYS B 279 11.31 16.38 -23.33
CA LYS B 279 10.52 15.79 -24.45
CA LYS B 279 10.53 15.80 -24.46
C LYS B 279 9.06 16.24 -24.33
N ARG B 280 8.48 16.12 -23.12
CA ARG B 280 7.08 16.58 -22.92
C ARG B 280 6.94 18.07 -23.27
N ARG B 281 7.89 18.89 -22.84
CA ARG B 281 7.82 20.35 -23.09
C ARG B 281 7.92 20.64 -24.60
N ASN B 282 8.71 19.85 -25.32
CA ASN B 282 8.80 20.03 -26.79
CA ASN B 282 8.82 19.96 -26.80
C ASN B 282 7.48 19.62 -27.45
N ILE B 283 6.82 18.57 -26.97
CA ILE B 283 5.48 18.18 -27.47
CA ILE B 283 5.47 18.18 -27.48
C ILE B 283 4.49 19.32 -27.21
N ALA B 284 4.52 19.89 -26.01
CA ALA B 284 3.61 21.00 -25.68
C ALA B 284 3.85 22.17 -26.64
N ARG B 285 5.11 22.47 -26.94
CA ARG B 285 5.43 23.57 -27.89
CA ARG B 285 5.43 23.58 -27.89
C ARG B 285 4.81 23.27 -29.26
N LEU B 286 4.86 22.01 -29.70
CA LEU B 286 4.27 21.67 -31.01
CA LEU B 286 4.27 21.58 -31.01
C LEU B 286 2.74 21.73 -30.97
N TYR B 287 2.09 21.19 -29.92
CA TYR B 287 0.63 21.35 -29.82
C TYR B 287 0.27 22.84 -29.83
N ASN B 288 1.04 23.66 -29.11
CA ASN B 288 0.72 25.10 -29.02
C ASN B 288 0.80 25.74 -30.43
N GLU B 289 1.76 25.34 -31.22
CA GLU B 289 1.89 25.92 -32.59
CA GLU B 289 1.90 25.89 -32.60
C GLU B 289 0.66 25.55 -33.40
N PHE B 290 0.22 24.30 -33.37
CA PHE B 290 -0.98 23.88 -34.10
C PHE B 290 -2.24 24.55 -33.53
N LEU B 291 -2.40 24.60 -32.20
CA LEU B 291 -3.74 24.82 -31.61
C LEU B 291 -3.97 26.20 -30.97
N GLU B 292 -2.95 26.97 -30.64
CA GLU B 292 -3.14 28.26 -29.90
C GLU B 292 -4.11 29.16 -30.68
N SER B 293 -3.99 29.24 -31.99
CA SER B 293 -4.84 30.17 -32.79
C SER B 293 -6.24 29.58 -32.97
N SER B 294 -6.45 28.31 -32.62
CA SER B 294 -7.73 27.58 -32.78
C SER B 294 -8.72 27.99 -31.70
N ASP B 295 -9.96 27.54 -31.82
CA ASP B 295 -11.04 27.79 -30.82
C ASP B 295 -10.70 27.11 -29.47
N LEU B 296 -9.75 26.16 -29.45
CA LEU B 296 -9.37 25.44 -28.20
C LEU B 296 -8.53 26.41 -27.35
N VAL B 297 -8.79 26.53 -26.03
CA VAL B 297 -7.89 27.25 -25.08
C VAL B 297 -6.72 26.35 -24.72
N THR B 298 -5.50 26.69 -25.10
CA THR B 298 -4.29 25.90 -24.81
C THR B 298 -3.74 26.28 -23.44
N PRO B 299 -3.01 25.35 -22.81
CA PRO B 299 -2.47 25.61 -21.49
C PRO B 299 -1.39 26.71 -21.52
N THR B 300 -1.35 27.41 -20.40
CA THR B 300 -0.48 28.58 -20.10
C THR B 300 0.71 28.12 -19.28
N GLU B 301 1.88 28.69 -19.49
CA GLU B 301 3.02 28.63 -18.54
C GLU B 301 3.29 30.04 -18.06
N LYS B 302 3.06 30.34 -16.79
CA LYS B 302 3.35 31.66 -16.20
C LYS B 302 4.87 31.93 -16.22
N GLU B 303 5.24 33.21 -16.13
CA GLU B 303 6.68 33.59 -16.15
CA GLU B 303 6.66 33.62 -16.12
C GLU B 303 7.44 32.91 -15.01
N TYR B 304 6.80 32.68 -13.87
CA TYR B 304 7.42 32.06 -12.68
C TYR B 304 7.55 30.54 -12.83
N ALA B 305 7.01 29.93 -13.89
CA ALA B 305 6.81 28.47 -13.93
C ALA B 305 7.72 27.78 -14.92
N LYS B 306 8.18 26.59 -14.57
CA LYS B 306 8.62 25.57 -15.52
C LYS B 306 7.54 24.47 -15.45
N HIS B 307 6.68 24.43 -16.44
CA HIS B 307 5.58 23.44 -16.58
C HIS B 307 6.18 22.15 -17.09
N VAL B 308 5.89 21.00 -16.46
CA VAL B 308 6.39 19.69 -16.92
C VAL B 308 5.33 18.85 -17.61
N TYR B 309 4.12 19.38 -17.82
CA TYR B 309 3.13 18.72 -18.72
C TYR B 309 3.00 17.25 -18.36
N HIS B 310 2.68 16.93 -17.10
CA HIS B 310 2.10 15.61 -16.81
C HIS B 310 0.87 15.41 -17.71
N LEU B 311 0.05 16.44 -17.83
CA LEU B 311 -1.15 16.43 -18.69
C LEU B 311 -1.12 17.68 -19.54
N TYR B 312 -1.55 17.54 -20.81
CA TYR B 312 -1.74 18.67 -21.74
C TYR B 312 -3.24 18.91 -21.86
N VAL B 313 -3.72 19.93 -21.20
CA VAL B 313 -5.17 20.13 -21.00
C VAL B 313 -5.63 21.36 -21.77
N ILE B 314 -6.62 21.16 -22.63
CA ILE B 314 -7.28 22.24 -23.40
CA ILE B 314 -7.27 22.26 -23.39
C ILE B 314 -8.68 22.49 -22.85
N ARG B 315 -9.27 23.62 -23.19
CA ARG B 315 -10.72 23.89 -22.97
CA ARG B 315 -10.73 23.84 -22.98
C ARG B 315 -11.44 24.08 -24.29
N TYR B 316 -12.64 23.52 -24.37
CA TYR B 316 -13.51 23.67 -25.56
C TYR B 316 -14.96 23.64 -25.08
N LYS B 317 -15.79 24.46 -25.70
CA LYS B 317 -17.23 24.62 -25.34
C LYS B 317 -18.00 23.31 -25.48
N GLU B 318 -17.63 22.44 -26.41
CA GLU B 318 -18.33 21.13 -26.63
C GLU B 318 -17.30 20.01 -26.52
N ARG B 319 -16.66 19.89 -25.36
CA ARG B 319 -15.53 18.95 -25.19
C ARG B 319 -15.96 17.49 -25.31
N ASP B 320 -17.21 17.15 -24.99
CA ASP B 320 -17.66 15.74 -25.12
C ASP B 320 -17.82 15.37 -26.60
N LYS B 321 -18.34 16.29 -27.40
CA LYS B 321 -18.45 16.03 -28.86
CA LYS B 321 -18.46 16.12 -28.89
C LYS B 321 -17.04 15.99 -29.46
N LEU B 322 -16.12 16.84 -28.99
CA LEU B 322 -14.70 16.78 -29.45
C LEU B 322 -14.07 15.43 -29.07
N GLN B 323 -14.28 14.95 -27.84
CA GLN B 323 -13.73 13.67 -27.40
C GLN B 323 -14.23 12.54 -28.31
N GLN B 324 -15.53 12.53 -28.58
CA GLN B 324 -16.17 11.48 -29.45
C GLN B 324 -15.54 11.50 -30.83
N ASN B 325 -15.36 12.67 -31.40
CA ASN B 325 -14.74 12.85 -32.76
CA ASN B 325 -14.75 12.82 -32.77
C ASN B 325 -13.29 12.38 -32.73
N LEU B 326 -12.52 12.75 -31.72
CA LEU B 326 -11.12 12.30 -31.63
C LEU B 326 -11.05 10.77 -31.57
N LEU B 327 -11.96 10.13 -30.84
CA LEU B 327 -11.97 8.65 -30.73
C LEU B 327 -12.27 8.04 -32.11
N LYS B 328 -13.17 8.64 -32.88
CA LYS B 328 -13.46 8.21 -34.28
C LYS B 328 -12.18 8.24 -35.11
N CYS B 329 -11.27 9.19 -34.86
CA CYS B 329 -9.95 9.33 -35.55
CA CYS B 329 -9.95 9.37 -35.52
C CYS B 329 -8.90 8.39 -34.97
N GLY B 330 -9.25 7.59 -33.97
CA GLY B 330 -8.29 6.67 -33.32
C GLY B 330 -7.44 7.35 -32.26
N ILE B 331 -7.90 8.45 -31.67
CA ILE B 331 -7.11 9.20 -30.66
CA ILE B 331 -7.13 9.26 -30.67
C ILE B 331 -7.79 9.10 -29.30
N GLN B 332 -7.10 8.54 -28.34
CA GLN B 332 -7.61 8.41 -26.94
CA GLN B 332 -7.61 8.42 -26.95
C GLN B 332 -7.38 9.73 -26.18
N THR B 333 -8.38 10.18 -25.46
CA THR B 333 -8.29 11.38 -24.61
C THR B 333 -8.89 11.03 -23.26
N GLN B 334 -8.66 11.87 -22.26
CA GLN B 334 -9.22 11.68 -20.91
CA GLN B 334 -9.16 11.68 -20.88
C GLN B 334 -9.65 13.03 -20.34
N ILE B 335 -10.39 13.02 -19.26
CA ILE B 335 -10.87 14.25 -18.58
C ILE B 335 -10.37 14.23 -17.14
N HIS B 336 -9.67 15.29 -16.73
CA HIS B 336 -9.04 15.38 -15.39
C HIS B 336 -9.53 16.64 -14.70
N TYR B 337 -10.75 16.69 -14.14
CA TYR B 337 -11.70 15.64 -13.90
C TYR B 337 -13.09 16.22 -14.10
N PRO B 338 -14.08 15.42 -14.56
CA PRO B 338 -15.38 16.02 -14.91
C PRO B 338 -16.27 16.38 -13.73
N ILE B 339 -16.04 15.76 -12.57
CA ILE B 339 -16.84 16.03 -11.34
C ILE B 339 -15.88 16.54 -10.28
N PRO B 340 -15.96 17.82 -9.93
CA PRO B 340 -15.03 18.35 -8.95
C PRO B 340 -15.34 17.82 -7.54
N MET B 341 -14.39 17.88 -6.64
CA MET B 341 -14.53 17.17 -5.35
CA MET B 341 -14.48 17.24 -5.31
C MET B 341 -15.75 17.68 -4.57
N HIS B 342 -16.05 18.97 -4.61
CA HIS B 342 -17.21 19.49 -3.82
C HIS B 342 -18.53 18.96 -4.36
N ARG B 343 -18.55 18.35 -5.52
CA ARG B 343 -19.78 17.80 -6.16
CA ARG B 343 -19.80 17.79 -6.13
C ARG B 343 -19.77 16.26 -6.13
N GLN B 344 -18.77 15.65 -5.49
CA GLN B 344 -18.72 14.18 -5.38
C GLN B 344 -19.63 13.71 -4.25
N LYS B 345 -20.21 12.52 -4.43
CA LYS B 345 -21.11 11.90 -3.44
CA LYS B 345 -21.11 11.88 -3.45
C LYS B 345 -20.43 11.84 -2.07
N ALA B 346 -19.15 11.43 -2.02
CA ALA B 346 -18.42 11.29 -0.75
C ALA B 346 -18.49 12.59 0.06
N TYR B 347 -18.49 13.76 -0.59
CA TYR B 347 -18.44 15.01 0.23
CA TYR B 347 -18.37 15.14 -0.03
C TYR B 347 -19.72 15.85 0.05
N LEU B 348 -20.66 15.50 -0.86
CA LEU B 348 -22.04 16.06 -0.83
C LEU B 348 -22.72 15.67 0.49
N GLU B 349 -22.46 14.46 1.00
CA GLU B 349 -23.12 13.89 2.20
C GLU B 349 -22.78 14.70 3.46
N LEU B 350 -21.58 15.28 3.54
CA LEU B 350 -21.28 16.41 4.47
C LEU B 350 -21.63 17.70 3.72
N GLU B 351 -22.06 18.76 4.40
CA GLU B 351 -22.65 19.97 3.77
C GLU B 351 -21.59 20.71 2.95
N TYR B 352 -21.48 20.39 1.65
CA TYR B 352 -20.61 21.11 0.70
C TYR B 352 -21.47 21.74 -0.39
N ASN B 353 -22.20 22.77 0.03
CA ASN B 353 -22.90 23.75 -0.84
C ASN B 353 -21.94 24.91 -1.16
N THR B 354 -20.63 24.65 -1.17
CA THR B 354 -19.58 25.62 -1.56
C THR B 354 -19.86 26.11 -2.99
N SER B 355 -19.66 27.39 -3.27
CA SER B 355 -19.91 27.95 -4.63
C SER B 355 -18.57 28.32 -5.27
N LEU B 356 -18.23 27.60 -6.33
CA LEU B 356 -16.89 27.66 -6.96
C LEU B 356 -17.12 27.77 -8.46
N PRO B 357 -17.55 28.95 -8.95
CA PRO B 357 -17.99 29.06 -10.35
C PRO B 357 -16.89 28.77 -11.38
N VAL B 358 -15.63 29.07 -11.10
CA VAL B 358 -14.57 28.78 -12.11
C VAL B 358 -14.41 27.26 -12.20
N THR B 359 -14.23 26.59 -11.07
CA THR B 359 -14.11 25.13 -11.02
C THR B 359 -15.29 24.50 -11.77
N GLU B 360 -16.50 24.94 -11.49
CA GLU B 360 -17.72 24.30 -12.05
C GLU B 360 -17.72 24.47 -13.58
N LYS B 361 -17.35 25.67 -14.08
CA LYS B 361 -17.33 25.92 -15.53
C LYS B 361 -16.22 25.09 -16.18
N ILE B 362 -15.00 25.16 -15.65
CA ILE B 362 -13.78 24.50 -16.22
CA ILE B 362 -13.92 24.52 -16.43
C ILE B 362 -14.04 23.00 -16.35
N CYS B 363 -14.65 22.40 -15.33
CA CYS B 363 -14.77 20.93 -15.32
CA CYS B 363 -14.82 20.92 -15.27
C CYS B 363 -15.67 20.45 -16.47
N ASN B 364 -16.52 21.31 -17.00
CA ASN B 364 -17.38 20.98 -18.15
C ASN B 364 -16.66 21.19 -19.48
N GLU B 365 -15.50 21.86 -19.50
CA GLU B 365 -14.83 22.31 -20.75
C GLU B 365 -13.49 21.63 -20.99
N ILE B 366 -12.87 21.04 -20.00
CA ILE B 366 -11.47 20.54 -20.12
C ILE B 366 -11.45 19.22 -20.89
N LEU B 367 -10.32 18.96 -21.52
CA LEU B 367 -9.99 17.69 -22.17
C LEU B 367 -8.47 17.52 -22.18
N SER B 368 -8.01 16.35 -21.81
CA SER B 368 -6.56 16.00 -21.80
C SER B 368 -6.20 15.30 -23.12
N LEU B 369 -5.26 15.83 -23.85
CA LEU B 369 -4.77 15.25 -25.14
C LEU B 369 -3.60 14.33 -24.84
N PRO B 370 -3.27 13.36 -25.72
CA PRO B 370 -2.12 12.50 -25.45
C PRO B 370 -0.86 13.30 -25.14
N MET B 371 -0.16 12.92 -24.09
CA MET B 371 1.05 13.63 -23.65
C MET B 371 1.91 12.65 -22.86
N HIS B 372 3.08 12.33 -23.39
CA HIS B 372 4.10 11.48 -22.75
C HIS B 372 5.35 11.65 -23.59
N PRO B 373 6.51 11.20 -23.09
CA PRO B 373 7.77 11.55 -23.73
C PRO B 373 7.99 10.92 -25.12
N TRP B 374 7.16 9.98 -25.54
CA TRP B 374 7.47 9.14 -26.73
CA TRP B 374 7.42 9.08 -26.70
C TRP B 374 6.55 9.46 -27.91
N LEU B 375 5.72 10.48 -27.78
CA LEU B 375 4.89 10.89 -28.94
CA LEU B 375 4.86 10.93 -28.91
C LEU B 375 5.77 11.49 -30.03
N ARG B 376 5.48 11.16 -31.27
CA ARG B 376 6.20 11.63 -32.47
CA ARG B 376 6.26 11.70 -32.41
C ARG B 376 5.55 12.92 -32.99
N GLU B 377 6.35 13.80 -33.58
CA GLU B 377 5.87 15.04 -34.22
C GLU B 377 4.73 14.72 -35.19
N GLU B 378 4.83 13.67 -35.99
CA GLU B 378 3.77 13.38 -36.99
CA GLU B 378 3.77 13.38 -36.99
C GLU B 378 2.51 12.84 -36.29
N GLU B 379 2.61 12.27 -35.07
CA GLU B 379 1.41 11.88 -34.29
C GLU B 379 0.68 13.14 -33.80
N ILE B 380 1.42 14.16 -33.42
CA ILE B 380 0.83 15.46 -33.01
CA ILE B 380 0.85 15.46 -33.00
C ILE B 380 0.16 16.09 -34.23
N ARG B 381 0.76 15.96 -35.41
CA ARG B 381 0.09 16.47 -36.63
C ARG B 381 -1.22 15.72 -36.90
N ARG B 382 -1.25 14.42 -36.70
CA ARG B 382 -2.50 13.64 -36.89
C ARG B 382 -3.58 14.12 -35.92
N ILE B 383 -3.20 14.36 -34.66
CA ILE B 383 -4.16 14.85 -33.64
C ILE B 383 -4.66 16.23 -34.06
N SER B 384 -3.79 17.13 -34.48
CA SER B 384 -4.14 18.49 -35.00
CA SER B 384 -4.20 18.48 -34.92
C SER B 384 -5.08 18.38 -36.17
N ASN B 385 -4.79 17.48 -37.11
CA ASN B 385 -5.63 17.35 -38.33
C ASN B 385 -7.05 16.92 -37.88
N CYS B 386 -7.16 15.97 -36.97
CA CYS B 386 -8.49 15.51 -36.49
CA CYS B 386 -8.48 15.50 -36.46
C CYS B 386 -9.24 16.69 -35.84
N ILE B 387 -8.57 17.47 -35.01
CA ILE B 387 -9.21 18.64 -34.36
C ILE B 387 -9.63 19.67 -35.42
N GLY B 388 -8.78 19.98 -36.40
CA GLY B 388 -9.11 20.98 -37.44
C GLY B 388 -10.31 20.57 -38.26
N GLU B 389 -10.40 19.31 -38.65
CA GLU B 389 -11.54 18.77 -39.44
CA GLU B 389 -11.55 18.81 -39.45
C GLU B 389 -12.81 18.86 -38.59
N PHE B 390 -12.72 18.52 -37.32
CA PHE B 390 -13.88 18.60 -36.39
C PHE B 390 -14.34 20.04 -36.28
N LEU B 391 -13.44 21.01 -36.12
CA LEU B 391 -13.81 22.43 -35.93
C LEU B 391 -14.46 22.92 -37.21
N TRP B 392 -13.97 22.49 -38.38
CA TRP B 392 -14.62 22.81 -39.67
CA TRP B 392 -14.63 22.88 -39.63
C TRP B 392 -16.08 22.35 -39.61
N MET B 393 -16.29 21.08 -39.28
CA MET B 393 -17.62 20.41 -39.45
CA MET B 393 -17.61 20.42 -39.45
C MET B 393 -18.59 21.01 -38.43
N SER B 394 -18.07 21.45 -37.29
CA SER B 394 -18.85 22.09 -36.20
C SER B 394 -19.23 23.53 -36.55
N ASN B 395 -18.38 24.24 -37.28
CA ASN B 395 -18.60 25.65 -37.73
C ASN B 395 -19.04 25.65 -39.20
C1 EDO C . -13.08 -24.49 1.68
O1 EDO C . -14.13 -25.39 1.95
C2 EDO C . -11.73 -25.05 1.89
O2 EDO C . -11.55 -26.42 2.19
H11 EDO C . -13.19 -23.71 2.24
H12 EDO C . -13.15 -24.21 0.75
HO1 EDO C . -14.85 -25.08 1.81
H21 EDO C . -11.34 -24.53 2.61
H22 EDO C . -11.21 -24.86 1.08
HO2 EDO C . -12.30 -26.80 2.27
C1 EDO D . 2.22 -32.49 17.65
O1 EDO D . 2.43 -32.42 16.32
C2 EDO D . 0.84 -32.85 17.95
O2 EDO D . 0.38 -32.09 19.00
H11 EDO D . 2.44 -31.63 18.07
H12 EDO D . 2.82 -33.17 18.04
HO1 EDO D . 3.24 -32.22 16.17
H21 EDO D . 0.79 -33.80 18.20
H22 EDO D . 0.29 -32.69 17.16
HO2 EDO D . 0.74 -32.35 19.72
C1 EDO E . -19.31 0.02 -4.03
O1 EDO E . -19.40 0.38 -5.35
C2 EDO E . -20.26 -1.02 -3.63
O2 EDO E . -20.69 -0.87 -2.30
H11 EDO E . -19.45 0.81 -3.48
H12 EDO E . -18.41 -0.31 -3.86
HO1 EDO E . -18.82 0.97 -5.50
H21 EDO E . -19.83 -1.90 -3.72
H22 EDO E . -21.04 -0.99 -4.21
HO2 EDO E . -21.16 -0.17 -2.23
C1 EDO F . -7.59 -3.67 37.86
O1 EDO F . -7.48 -2.30 37.50
C2 EDO F . -8.35 -4.50 36.89
O2 EDO F . -8.80 -5.73 37.39
H11 EDO F . -8.03 -3.73 38.74
H12 EDO F . -6.69 -4.05 37.95
HO1 EDO F . -7.03 -1.88 38.07
H21 EDO F . -7.78 -4.67 36.11
H22 EDO F . -9.12 -3.98 36.59
HO2 EDO F . -8.24 -6.04 37.94
C1 EDO G . 6.56 -8.56 9.98
O1 EDO G . 5.89 -9.20 11.06
C2 EDO G . 5.65 -7.92 9.00
O2 EDO G . 4.41 -8.61 8.73
H11 EDO G . 7.11 -9.23 9.51
H12 EDO G . 7.16 -7.88 10.35
HO1 EDO G . 6.46 -9.56 11.58
H21 EDO G . 6.13 -7.82 8.16
H22 EDO G . 5.43 -7.03 9.33
HO2 EDO G . 4.60 -9.42 8.52
C1 EDO H . -24.15 -12.73 27.06
O1 EDO H . -24.36 -11.44 26.52
C2 EDO H . -23.08 -12.77 28.10
O2 EDO H . -23.21 -11.80 29.12
H11 EDO H . -23.92 -13.34 26.34
H12 EDO H . -24.99 -13.04 27.46
HO1 EDO H . -25.00 -11.44 25.93
H21 EDO H . -22.21 -12.64 27.65
H22 EDO H . -23.07 -13.66 28.50
HO2 EDO H . -24.03 -11.58 29.20
C1 EDO I . -11.00 -6.54 34.05
O1 EDO I . -10.64 -5.20 33.97
C2 EDO I . -12.47 -6.65 34.05
O2 EDO I . -12.99 -6.97 35.32
H11 EDO I . -10.64 -6.93 34.88
H12 EDO I . -10.63 -7.03 33.28
HO1 EDO I . -9.81 -5.13 33.97
H21 EDO I . -12.74 -7.33 33.40
H22 EDO I . -12.84 -5.78 33.76
HO2 EDO I . -12.69 -6.40 35.91
C1 EDO J . -4.44 7.25 -10.27
O1 EDO J . -3.28 8.03 -9.94
C2 EDO J . -4.94 7.40 -11.64
O2 EDO J . -5.48 8.69 -11.89
H11 EDO J . -5.16 7.50 -9.65
H12 EDO J . -4.23 6.31 -10.12
HO1 EDO J . -3.06 7.89 -9.14
H21 EDO J . -5.63 6.73 -11.80
H22 EDO J . -4.21 7.23 -12.26
HO2 EDO J . -5.15 9.25 -11.35
CA CA K . 2.66 -1.74 -2.80
P PO4 L . -0.89 0.87 -15.70
O1 PO4 L . -1.16 2.30 -15.20
O2 PO4 L . 0.44 0.46 -15.43
O3 PO4 L . -1.89 -0.08 -15.14
O4 PO4 L . -1.08 0.91 -17.24
P PO4 M . -19.41 -26.21 20.43
O1 PO4 M . -19.24 -24.86 21.10
O2 PO4 M . -18.56 -27.24 21.18
O3 PO4 M . -20.88 -26.63 20.50
O4 PO4 M . -18.95 -26.11 18.97
P PO4 N . 7.00 -12.97 10.15
O1 PO4 N . 8.19 -12.91 11.11
O2 PO4 N . 5.78 -13.41 10.91
O3 PO4 N . 6.71 -11.59 9.55
O4 PO4 N . 7.31 -13.92 9.00
P PO4 O . -5.94 -33.20 20.70
O1 PO4 O . -5.45 -32.41 21.90
O2 PO4 O . -6.80 -34.35 21.21
O3 PO4 O . -6.77 -32.36 19.83
O4 PO4 O . -4.77 -33.73 19.93
P PO4 P . -23.60 5.72 21.17
O1 PO4 P . -22.76 6.71 21.93
O2 PO4 P . -24.33 4.84 22.16
O3 PO4 P . -24.61 6.45 20.31
O4 PO4 P . -22.70 4.86 20.27
P PO4 Q . -17.11 -25.51 11.10
O1 PO4 Q . -16.42 -24.23 11.60
O2 PO4 Q . -17.62 -26.28 12.32
O3 PO4 Q . -18.28 -25.13 10.24
O4 PO4 Q . -16.13 -26.38 10.29
C1 EDO R . -19.57 21.63 -42.37
O1 EDO R . -20.11 21.28 -43.64
C2 EDO R . -19.92 22.99 -41.91
O2 EDO R . -19.04 24.01 -42.32
H11 EDO R . -18.60 21.55 -42.42
H12 EDO R . -19.90 20.98 -41.71
HO1 EDO R . -19.88 20.48 -43.83
H21 EDO R . -19.95 22.98 -40.93
H22 EDO R . -20.82 23.20 -42.23
HO2 EDO R . -18.66 23.78 -43.05
C1 EDO S . -2.83 13.86 13.12
O1 EDO S . -1.95 13.23 14.01
C2 EDO S . -4.23 13.45 13.19
O2 EDO S . -4.67 12.64 12.14
H11 EDO S . -2.51 13.73 12.21
H12 EDO S . -2.79 14.83 13.30
HO1 EDO S . -1.16 13.53 13.89
H21 EDO S . -4.78 14.24 13.22
H22 EDO S . -4.35 12.96 14.03
HO2 EDO S . -4.09 12.62 11.52
C1 EDO T . 21.37 11.18 -19.69
O1 EDO T . 22.18 11.92 -18.80
C2 EDO T . 20.04 10.83 -19.10
O2 EDO T . 18.99 11.76 -19.44
H11 EDO T . 21.83 10.34 -19.93
H12 EDO T . 21.23 11.69 -20.51
HO1 EDO T . 22.92 12.07 -19.15
H21 EDO T . 20.13 10.82 -18.13
H22 EDO T . 19.77 9.94 -19.40
HO2 EDO T . 19.28 12.56 -19.34
C1 PEG U . -8.23 31.84 -18.77
O1 PEG U . -7.82 31.16 -19.97
C2 PEG U . -9.26 32.89 -19.02
O2 PEG U . -10.55 32.30 -19.10
C3 PEG U . -11.50 32.88 -18.21
C4 PEG U . -12.82 32.22 -18.40
O4 PEG U . -12.87 30.93 -17.79
H11 PEG U . -7.45 32.25 -18.35
H12 PEG U . -8.59 31.17 -18.14
HO1 PEG U . -7.25 30.56 -19.77
H21 PEG U . -9.06 33.36 -19.86
H22 PEG U . -9.24 33.55 -18.29
H31 PEG U . -11.58 33.84 -18.38
H32 PEG U . -11.19 32.76 -17.29
H41 PEG U . -13.01 32.13 -19.35
H42 PEG U . -13.51 32.79 -18.01
HO4 PEG U . -12.10 30.59 -17.80
C1 EDO V . 14.35 -9.23 -15.02
O1 EDO V . 15.69 -9.69 -15.11
C2 EDO V . 13.49 -9.77 -16.09
O2 EDO V . 13.33 -11.18 -16.03
H11 EDO V . 14.34 -8.25 -15.06
H12 EDO V . 13.98 -9.50 -14.15
HO1 EDO V . 16.13 -9.35 -14.48
H21 EDO V . 13.87 -9.53 -16.96
H22 EDO V . 12.60 -9.34 -16.02
HO2 EDO V . 13.86 -11.50 -15.45
C1 EDO W . 2.79 34.94 -18.49
O1 EDO W . 1.62 34.13 -18.65
C2 EDO W . 2.71 35.85 -17.34
O2 EDO W . 3.11 35.30 -16.14
H11 EDO W . 2.92 35.47 -19.31
H12 EDO W . 3.56 34.35 -18.38
HO1 EDO W . 1.73 33.64 -19.34
H21 EDO W . 1.79 36.17 -17.26
H22 EDO W . 3.27 36.63 -17.53
HO2 EDO W . 2.66 34.60 -15.99
C1 PEG X . -17.42 20.72 16.86
O1 PEG X . -18.12 21.75 16.18
C2 PEG X . -16.66 19.84 15.91
O2 PEG X . -15.87 18.94 16.67
C3 PEG X . -14.47 18.95 16.38
C4 PEG X . -13.73 19.34 17.63
O4 PEG X . -12.58 18.54 17.87
H11 PEG X . -18.06 20.18 17.35
H12 PEG X . -16.80 21.12 17.50
HO1 PEG X . -18.52 22.22 16.72
H21 PEG X . -16.09 20.39 15.33
H22 PEG X . -17.29 19.34 15.34
H31 PEG X . -14.28 19.59 15.66
H32 PEG X . -14.19 18.06 16.09
H41 PEG X . -14.33 19.26 18.39
H42 PEG X . -13.45 20.28 17.56
HO4 PEG X . -12.08 18.55 17.21
C TRS Y . 13.61 22.29 -22.32
C1 TRS Y . 13.53 23.55 -21.47
C2 TRS Y . 13.10 21.06 -21.56
C3 TRS Y . 12.79 22.50 -23.58
N TRS Y . 15.05 22.08 -22.70
O1 TRS Y . 12.86 24.58 -22.19
O2 TRS Y . 13.34 21.12 -20.16
O3 TRS Y . 12.35 21.29 -24.15
H11 TRS Y . 14.42 23.85 -21.24
H12 TRS Y . 13.04 23.36 -20.65
H21 TRS Y . 13.55 20.27 -21.93
H22 TRS Y . 12.14 20.97 -21.73
H31 TRS Y . 13.33 23.00 -24.23
H32 TRS Y . 12.02 23.05 -23.34
HN1 TRS Y . 15.13 22.09 -23.60
HN2 TRS Y . 15.35 21.28 -22.40
HN3 TRS Y . 15.57 22.73 -22.35
HO1 TRS Y . 12.86 25.43 -21.64
HO2 TRS Y . 13.15 20.52 -19.83
HO3 TRS Y . 12.54 20.66 -23.62
C1 EDO Z . 15.19 24.45 6.81
O1 EDO Z . 16.35 23.88 6.22
C2 EDO Z . 14.30 25.13 5.83
O2 EDO Z . 13.00 24.58 5.73
H11 EDO Z . 15.46 25.10 7.49
H12 EDO Z . 14.69 23.74 7.26
HO1 EDO Z . 16.82 23.52 6.83
H21 EDO Z . 14.73 25.10 4.94
H22 EDO Z . 14.21 26.07 6.09
HO2 EDO Z . 12.97 23.84 6.13
P PO4 AA . -2.91 10.16 -14.37
O1 PO4 AA . -2.85 11.55 -13.75
O2 PO4 AA . -3.24 9.17 -13.24
O3 PO4 AA . -1.54 9.81 -14.94
O4 PO4 AA . -3.99 10.10 -15.46
P PO4 BA . 10.25 -2.75 27.91
O1 PO4 BA . 11.08 -2.52 29.22
O2 PO4 BA . 9.80 -1.40 27.35
O3 PO4 BA . 9.02 -3.58 28.26
O4 PO4 BA . 11.07 -3.47 26.79
P PO4 CA . 12.49 -8.86 3.21
O1 PO4 CA . 12.96 -7.46 3.40
O2 PO4 CA . 13.68 -9.80 3.43
O3 PO4 CA . 11.43 -9.22 4.24
O4 PO4 CA . 12.00 -9.06 1.87
P PO4 DA . 6.46 25.60 -22.94
O1 PO4 DA . 5.87 25.59 -21.55
O2 PO4 DA . 7.59 24.58 -23.01
O3 PO4 DA . 5.38 25.23 -23.97
O4 PO4 DA . 6.99 27.01 -23.23
#